data_1N4B
# 
_entry.id   1N4B 
# 
_audit_conform.dict_name       mmcif_pdbx.dic 
_audit_conform.dict_version    5.391 
_audit_conform.dict_location   http://mmcif.pdb.org/dictionaries/ascii/mmcif_pdbx.dic 
# 
loop_
_database_2.database_id 
_database_2.database_code 
_database_2.pdbx_database_accession 
_database_2.pdbx_DOI 
PDB   1N4B         pdb_00001n4b 10.2210/pdb1n4b/pdb 
RCSB  RCSB017501   ?            ?                   
WWPDB D_1000017501 ?            ?                   
# 
loop_
_pdbx_audit_revision_history.ordinal 
_pdbx_audit_revision_history.data_content_type 
_pdbx_audit_revision_history.major_revision 
_pdbx_audit_revision_history.minor_revision 
_pdbx_audit_revision_history.revision_date 
1 'Structure model' 1 0 2003-11-04 
2 'Structure model' 1 1 2008-04-28 
3 'Structure model' 1 2 2011-07-13 
4 'Structure model' 1 3 2014-06-25 
5 'Structure model' 1 4 2024-05-01 
# 
_pdbx_audit_revision_details.ordinal             1 
_pdbx_audit_revision_details.revision_ordinal    1 
_pdbx_audit_revision_details.data_content_type   'Structure model' 
_pdbx_audit_revision_details.provider            repository 
_pdbx_audit_revision_details.type                'Initial release' 
_pdbx_audit_revision_details.description         ? 
_pdbx_audit_revision_details.details             ? 
# 
loop_
_pdbx_audit_revision_group.ordinal 
_pdbx_audit_revision_group.revision_ordinal 
_pdbx_audit_revision_group.data_content_type 
_pdbx_audit_revision_group.group 
1 2 'Structure model' 'Version format compliance' 
2 3 'Structure model' 'Version format compliance' 
3 4 'Structure model' 'Structure summary'         
4 5 'Structure model' 'Data collection'           
5 5 'Structure model' 'Database references'       
6 5 'Structure model' 'Derived calculations'      
# 
loop_
_pdbx_audit_revision_category.ordinal 
_pdbx_audit_revision_category.revision_ordinal 
_pdbx_audit_revision_category.data_content_type 
_pdbx_audit_revision_category.category 
1 5 'Structure model' chem_comp_atom 
2 5 'Structure model' chem_comp_bond 
3 5 'Structure model' database_2     
4 5 'Structure model' struct_conn    
# 
loop_
_pdbx_audit_revision_item.ordinal 
_pdbx_audit_revision_item.revision_ordinal 
_pdbx_audit_revision_item.data_content_type 
_pdbx_audit_revision_item.item 
1 5 'Structure model' '_database_2.pdbx_DOI'                
2 5 'Structure model' '_database_2.pdbx_database_accession' 
3 5 'Structure model' '_struct_conn.pdbx_leaving_atom_flag' 
# 
_pdbx_database_status.status_code                     REL 
_pdbx_database_status.entry_id                        1N4B 
_pdbx_database_status.recvd_initial_deposition_date   2002-10-30 
_pdbx_database_status.deposit_site                    RCSB 
_pdbx_database_status.process_site                    PDBJ 
_pdbx_database_status.status_code_mr                  REL 
_pdbx_database_status.status_code_sf                  ? 
_pdbx_database_status.SG_entry                        ? 
_pdbx_database_status.status_code_cs                  ? 
_pdbx_database_status.methods_development_category    ? 
_pdbx_database_status.pdb_format_compatible           Y 
_pdbx_database_status.status_code_nmr_data            ? 
# 
loop_
_audit_author.name 
_audit_author.pdbx_ordinal 
'Webba da Silva, M.' 1 
'Noronha, A.M.'      2 
'Noll, D.M.'         3 
'Miller, P.S.'       4 
'Colvin, O.M.'       5 
'Gamcsik, M.P.'      6 
# 
_citation.id                        primary 
_citation.title                     
;Solution Structure of a DNA Duplex Containing   
Mispair-Aligned N4C-Ethyl-N4C   
Interstrand Cross-Linked Cytosines
;
_citation.journal_abbrev            Biochemistry 
_citation.journal_volume            41 
_citation.page_first                15181 
_citation.page_last                 15188 
_citation.year                      2002 
_citation.journal_id_ASTM           BICHAW 
_citation.country                   US 
_citation.journal_id_ISSN           0006-2960 
_citation.journal_id_CSD            0033 
_citation.book_publisher            ? 
_citation.pdbx_database_id_PubMed   12484755 
_citation.pdbx_database_id_DOI      10.1021/bi026368l 
# 
loop_
_citation_author.citation_id 
_citation_author.name 
_citation_author.ordinal 
_citation_author.identifier_ORCID 
primary 'Webba da Silva, M.' 1 ? 
primary 'Noronha, A.M.'      2 ? 
primary 'Noll, D.M.'         3 ? 
primary 'Miller, P.S.'       4 ? 
primary 'Colvin, O.M.'       5 ? 
primary 'Gamcsik, M.P.'      6 ? 
# 
loop_
_entity.id 
_entity.type 
_entity.src_method 
_entity.pdbx_description 
_entity.formula_weight 
_entity.pdbx_number_of_molecules 
_entity.pdbx_ec 
_entity.pdbx_mutation 
_entity.pdbx_fragment 
_entity.details 
1 polymer syn "5'-D(*CP*GP*AP*AP*AP*CP*TP*TP*TP*CP*G)-3'"  3333.198 1 ? ? ? 'Interstrand Cross-Linked DNA' 
2 polymer syn "5'-D(*CP*GP*AP*AP*AP*D00*TP*TP*TP*CP*G)-3'" 3361.251 1 ? ? ? 'Interstrand Cross-Linked DNA' 
# 
loop_
_entity_poly.entity_id 
_entity_poly.type 
_entity_poly.nstd_linkage 
_entity_poly.nstd_monomer 
_entity_poly.pdbx_seq_one_letter_code 
_entity_poly.pdbx_seq_one_letter_code_can 
_entity_poly.pdbx_strand_id 
_entity_poly.pdbx_target_identifier 
1 polydeoxyribonucleotide no no  '(DC)(DG)(DA)(DA)(DA)(DC)(DT)(DT)(DT)(DC)(DG)'  CGAAACTTTCG A ? 
2 polydeoxyribonucleotide no yes '(DC)(DG)(DA)(DA)(DA)(D00)(DT)(DT)(DT)(DC)(DG)' CGAAAXTTTCG B ? 
# 
loop_
_entity_poly_seq.entity_id 
_entity_poly_seq.num 
_entity_poly_seq.mon_id 
_entity_poly_seq.hetero 
1 1  DC  n 
1 2  DG  n 
1 3  DA  n 
1 4  DA  n 
1 5  DA  n 
1 6  DC  n 
1 7  DT  n 
1 8  DT  n 
1 9  DT  n 
1 10 DC  n 
1 11 DG  n 
2 1  DC  n 
2 2  DG  n 
2 3  DA  n 
2 4  DA  n 
2 5  DA  n 
2 6  D00 n 
2 7  DT  n 
2 8  DT  n 
2 9  DT  n 
2 10 DC  n 
2 11 DG  n 
# 
loop_
_chem_comp.id 
_chem_comp.type 
_chem_comp.mon_nstd_flag 
_chem_comp.name 
_chem_comp.pdbx_synonyms 
_chem_comp.formula 
_chem_comp.formula_weight 
D00 'DNA linking' n 
;2'-deoxy-N-ethylcytidine 5'-(dihydrogen phosphate)
;
? 'C11 H18 N3 O7 P' 335.250 
DA  'DNA linking' y "2'-DEOXYADENOSINE-5'-MONOPHOSPHATE"                 ? 'C10 H14 N5 O6 P' 331.222 
DC  'DNA linking' y "2'-DEOXYCYTIDINE-5'-MONOPHOSPHATE"                  ? 'C9 H14 N3 O7 P'  307.197 
DG  'DNA linking' y "2'-DEOXYGUANOSINE-5'-MONOPHOSPHATE"                 ? 'C10 H14 N5 O7 P' 347.221 
DT  'DNA linking' y "THYMIDINE-5'-MONOPHOSPHATE"                         ? 'C10 H15 N2 O8 P' 322.208 
# 
loop_
_pdbx_poly_seq_scheme.asym_id 
_pdbx_poly_seq_scheme.entity_id 
_pdbx_poly_seq_scheme.seq_id 
_pdbx_poly_seq_scheme.mon_id 
_pdbx_poly_seq_scheme.ndb_seq_num 
_pdbx_poly_seq_scheme.pdb_seq_num 
_pdbx_poly_seq_scheme.auth_seq_num 
_pdbx_poly_seq_scheme.pdb_mon_id 
_pdbx_poly_seq_scheme.auth_mon_id 
_pdbx_poly_seq_scheme.pdb_strand_id 
_pdbx_poly_seq_scheme.pdb_ins_code 
_pdbx_poly_seq_scheme.hetero 
A 1 1  DC  1  1  1  DC  CYT A . n 
A 1 2  DG  2  2  2  DG  GUA A . n 
A 1 3  DA  3  3  3  DA  ADE A . n 
A 1 4  DA  4  4  4  DA  ADE A . n 
A 1 5  DA  5  5  5  DA  ADE A . n 
A 1 6  DC  6  6  6  DC  CYZ A . n 
A 1 7  DT  7  7  7  DT  THY A . n 
A 1 8  DT  8  8  8  DT  THY A . n 
A 1 9  DT  9  9  9  DT  THY A . n 
A 1 10 DC  10 10 10 DC  CYT A . n 
A 1 11 DG  11 11 11 DG  GUA A . n 
B 2 1  DC  1  1  1  DC  CYT B . n 
B 2 2  DG  2  2  2  DG  GUA B . n 
B 2 3  DA  3  3  3  DA  ADE B . n 
B 2 4  DA  4  4  4  DA  ADE B . n 
B 2 5  DA  5  5  5  DA  ADE B . n 
B 2 6  D00 6  6  6  D00 CYZ B . n 
B 2 7  DT  7  7  7  DT  THY B . n 
B 2 8  DT  8  8  8  DT  THY B . n 
B 2 9  DT  9  9  9  DT  THY B . n 
B 2 10 DC  10 10 10 DC  CYT B . n 
B 2 11 DG  11 11 11 DG  GUA B . n 
# 
_pdbx_unobs_or_zero_occ_atoms.id               1 
_pdbx_unobs_or_zero_occ_atoms.PDB_model_num    1 
_pdbx_unobs_or_zero_occ_atoms.polymer_flag     Y 
_pdbx_unobs_or_zero_occ_atoms.occupancy_flag   1 
_pdbx_unobs_or_zero_occ_atoms.auth_asym_id     B 
_pdbx_unobs_or_zero_occ_atoms.auth_comp_id     D00 
_pdbx_unobs_or_zero_occ_atoms.auth_seq_id      6 
_pdbx_unobs_or_zero_occ_atoms.PDB_ins_code     ? 
_pdbx_unobs_or_zero_occ_atoms.auth_atom_id     C2 
_pdbx_unobs_or_zero_occ_atoms.label_alt_id     ? 
_pdbx_unobs_or_zero_occ_atoms.label_asym_id    B 
_pdbx_unobs_or_zero_occ_atoms.label_comp_id    D00 
_pdbx_unobs_or_zero_occ_atoms.label_seq_id     6 
_pdbx_unobs_or_zero_occ_atoms.label_atom_id    C2 
# 
_exptl.entry_id          1N4B 
_exptl.method            'SOLUTION NMR' 
_exptl.crystals_number   ? 
# 
_exptl_crystal.id                    1 
_exptl_crystal.density_meas          ? 
_exptl_crystal.density_Matthews      ? 
_exptl_crystal.density_percent_sol   ? 
_exptl_crystal.description           ? 
# 
_diffrn.id                     1 
_diffrn.ambient_temp           ? 
_diffrn.ambient_temp_details   ? 
_diffrn.crystal_id             1 
# 
_diffrn_radiation.diffrn_id                        1 
_diffrn_radiation.wavelength_id                    1 
_diffrn_radiation.pdbx_monochromatic_or_laue_m_l   M 
_diffrn_radiation.monochromator                    ? 
_diffrn_radiation.pdbx_diffrn_protocol             'SINGLE WAVELENGTH' 
_diffrn_radiation.pdbx_scattering_type             x-ray 
# 
_diffrn_radiation_wavelength.id           1 
_diffrn_radiation_wavelength.wavelength   . 
_diffrn_radiation_wavelength.wt           1.0 
# 
_struct.entry_id                  1N4B 
_struct.title                     'Solution Structure of the undecamer CGAAAC*TTTCG' 
_struct.pdbx_model_details        ? 
_struct.pdbx_CASP_flag            ? 
_struct.pdbx_model_type_details   ? 
# 
_struct_keywords.entry_id        1N4B 
_struct_keywords.pdbx_keywords   DNA 
_struct_keywords.text            'interstrand cross-link, alkylated DNA, modified cytosine, alkylated cytosine, DNA' 
# 
loop_
_struct_asym.id 
_struct_asym.pdbx_blank_PDB_chainid_flag 
_struct_asym.pdbx_modified 
_struct_asym.entity_id 
_struct_asym.details 
A N N 1 ? 
B N N 2 ? 
# 
loop_
_struct_ref.id 
_struct_ref.entity_id 
_struct_ref.db_name 
_struct_ref.db_code 
_struct_ref.pdbx_db_accession 
_struct_ref.pdbx_align_begin 
_struct_ref.pdbx_seq_one_letter_code 
_struct_ref.pdbx_db_isoform 
1 1 PDB 1N4B 1N4B ? ? ? 
2 2 PDB 1N4B 1N4B ? ? ? 
# 
loop_
_struct_ref_seq.align_id 
_struct_ref_seq.ref_id 
_struct_ref_seq.pdbx_PDB_id_code 
_struct_ref_seq.pdbx_strand_id 
_struct_ref_seq.seq_align_beg 
_struct_ref_seq.pdbx_seq_align_beg_ins_code 
_struct_ref_seq.seq_align_end 
_struct_ref_seq.pdbx_seq_align_end_ins_code 
_struct_ref_seq.pdbx_db_accession 
_struct_ref_seq.db_align_beg 
_struct_ref_seq.pdbx_db_align_beg_ins_code 
_struct_ref_seq.db_align_end 
_struct_ref_seq.pdbx_db_align_end_ins_code 
_struct_ref_seq.pdbx_auth_seq_align_beg 
_struct_ref_seq.pdbx_auth_seq_align_end 
1 1 1N4B A 1 ? 11 ? 1N4B 1 ? 11 ? 1 11 
2 2 1N4B B 1 ? 11 ? 1N4B 1 ? 11 ? 1 11 
# 
_pdbx_struct_assembly.id                   1 
_pdbx_struct_assembly.details              author_defined_assembly 
_pdbx_struct_assembly.method_details       ? 
_pdbx_struct_assembly.oligomeric_details   dimeric 
_pdbx_struct_assembly.oligomeric_count     2 
# 
_pdbx_struct_assembly_gen.assembly_id       1 
_pdbx_struct_assembly_gen.oper_expression   1 
_pdbx_struct_assembly_gen.asym_id_list      A,B 
# 
_pdbx_struct_oper_list.id                   1 
_pdbx_struct_oper_list.type                 'identity operation' 
_pdbx_struct_oper_list.name                 1_555 
_pdbx_struct_oper_list.symmetry_operation   x,y,z 
_pdbx_struct_oper_list.matrix[1][1]         1.0000000000 
_pdbx_struct_oper_list.matrix[1][2]         0.0000000000 
_pdbx_struct_oper_list.matrix[1][3]         0.0000000000 
_pdbx_struct_oper_list.vector[1]            0.0000000000 
_pdbx_struct_oper_list.matrix[2][1]         0.0000000000 
_pdbx_struct_oper_list.matrix[2][2]         1.0000000000 
_pdbx_struct_oper_list.matrix[2][3]         0.0000000000 
_pdbx_struct_oper_list.vector[2]            0.0000000000 
_pdbx_struct_oper_list.matrix[3][1]         0.0000000000 
_pdbx_struct_oper_list.matrix[3][2]         0.0000000000 
_pdbx_struct_oper_list.matrix[3][3]         1.0000000000 
_pdbx_struct_oper_list.vector[3]            0.0000000000 
# 
_struct_biol.id        1 
_struct_biol.details   ? 
# 
loop_
_struct_conn.id 
_struct_conn.conn_type_id 
_struct_conn.pdbx_leaving_atom_flag 
_struct_conn.pdbx_PDB_id 
_struct_conn.ptnr1_label_asym_id 
_struct_conn.ptnr1_label_comp_id 
_struct_conn.ptnr1_label_seq_id 
_struct_conn.ptnr1_label_atom_id 
_struct_conn.pdbx_ptnr1_label_alt_id 
_struct_conn.pdbx_ptnr1_PDB_ins_code 
_struct_conn.pdbx_ptnr1_standard_comp_id 
_struct_conn.ptnr1_symmetry 
_struct_conn.ptnr2_label_asym_id 
_struct_conn.ptnr2_label_comp_id 
_struct_conn.ptnr2_label_seq_id 
_struct_conn.ptnr2_label_atom_id 
_struct_conn.pdbx_ptnr2_label_alt_id 
_struct_conn.pdbx_ptnr2_PDB_ins_code 
_struct_conn.ptnr1_auth_asym_id 
_struct_conn.ptnr1_auth_comp_id 
_struct_conn.ptnr1_auth_seq_id 
_struct_conn.ptnr2_auth_asym_id 
_struct_conn.ptnr2_auth_comp_id 
_struct_conn.ptnr2_auth_seq_id 
_struct_conn.ptnr2_symmetry 
_struct_conn.pdbx_ptnr3_label_atom_id 
_struct_conn.pdbx_ptnr3_label_seq_id 
_struct_conn.pdbx_ptnr3_label_comp_id 
_struct_conn.pdbx_ptnr3_label_asym_id 
_struct_conn.pdbx_ptnr3_label_alt_id 
_struct_conn.pdbx_ptnr3_PDB_ins_code 
_struct_conn.details 
_struct_conn.pdbx_dist_value 
_struct_conn.pdbx_value_order 
_struct_conn.pdbx_role 
covale1  covale both ? B DA  5  "O3'" ? ? ? 1_555 B D00 6  P  ? ? B DA  5  B D00 6  1_555 ? ? ? ? ? ? ?            1.614 ? ? 
covale2  covale both ? B D00 6  "O3'" ? ? ? 1_555 B DT  7  P  ? ? B D00 6  B DT  7  1_555 ? ? ? ? ? ? ?            1.601 ? ? 
hydrog1  hydrog ?    ? A DG  2  N1    ? ? ? 1_555 B DC  10 N3 ? ? A DG  2  B DC  10 1_555 ? ? ? ? ? ? WATSON-CRICK ?     ? ? 
hydrog2  hydrog ?    ? A DG  2  N2    ? ? ? 1_555 B DC  10 O2 ? ? A DG  2  B DC  10 1_555 ? ? ? ? ? ? WATSON-CRICK ?     ? ? 
hydrog3  hydrog ?    ? A DG  2  O6    ? ? ? 1_555 B DC  10 N4 ? ? A DG  2  B DC  10 1_555 ? ? ? ? ? ? WATSON-CRICK ?     ? ? 
hydrog4  hydrog ?    ? A DA  3  N1    ? ? ? 1_555 B DT  9  N3 ? ? A DA  3  B DT  9  1_555 ? ? ? ? ? ? WATSON-CRICK ?     ? ? 
hydrog5  hydrog ?    ? A DA  3  N6    ? ? ? 1_555 B DT  9  O4 ? ? A DA  3  B DT  9  1_555 ? ? ? ? ? ? WATSON-CRICK ?     ? ? 
hydrog6  hydrog ?    ? A DA  4  N1    ? ? ? 1_555 B DT  8  N3 ? ? A DA  4  B DT  8  1_555 ? ? ? ? ? ? WATSON-CRICK ?     ? ? 
hydrog7  hydrog ?    ? A DA  4  N6    ? ? ? 1_555 B DT  8  O4 ? ? A DA  4  B DT  8  1_555 ? ? ? ? ? ? WATSON-CRICK ?     ? ? 
hydrog8  hydrog ?    ? A DA  4  N1    ? ? ? 1_555 B DT  9  N3 ? ? A DA  4  B DT  9  1_555 ? ? ? ? ? ? 'DA-DT PAIR' ?     ? ? 
hydrog9  hydrog ?    ? A DA  5  N6    ? ? ? 1_555 B DT  8  O2 ? ? A DA  5  B DT  8  1_555 ? ? ? ? ? ? 'DA-DT PAIR' ?     ? ? 
hydrog10 hydrog ?    ? A DT  8  N3    ? ? ? 1_555 B DA  4  N1 ? ? A DT  8  B DA  4  1_555 ? ? ? ? ? ? WATSON-CRICK ?     ? ? 
hydrog11 hydrog ?    ? A DT  8  O4    ? ? ? 1_555 B DA  4  N6 ? ? A DT  8  B DA  4  1_555 ? ? ? ? ? ? WATSON-CRICK ?     ? ? 
hydrog12 hydrog ?    ? A DT  8  O2    ? ? ? 1_555 B DA  5  N6 ? ? A DT  8  B DA  5  1_555 ? ? ? ? ? ? 'DT-DA PAIR' ?     ? ? 
hydrog13 hydrog ?    ? A DT  9  N3    ? ? ? 1_555 B DA  3  N1 ? ? A DT  9  B DA  3  1_555 ? ? ? ? ? ? WATSON-CRICK ?     ? ? 
hydrog14 hydrog ?    ? A DT  9  O4    ? ? ? 1_555 B DA  3  N6 ? ? A DT  9  B DA  3  1_555 ? ? ? ? ? ? WATSON-CRICK ?     ? ? 
hydrog15 hydrog ?    ? A DT  9  N3    ? ? ? 1_555 B DA  4  N1 ? ? A DT  9  B DA  4  1_555 ? ? ? ? ? ? 'DT-DA PAIR' ?     ? ? 
hydrog16 hydrog ?    ? A DC  10 N3    ? ? ? 1_555 B DG  2  N1 ? ? A DC  10 B DG  2  1_555 ? ? ? ? ? ? WATSON-CRICK ?     ? ? 
hydrog17 hydrog ?    ? A DC  10 N4    ? ? ? 1_555 B DG  2  O6 ? ? A DC  10 B DG  2  1_555 ? ? ? ? ? ? WATSON-CRICK ?     ? ? 
hydrog18 hydrog ?    ? A DC  10 O2    ? ? ? 1_555 B DG  2  N2 ? ? A DC  10 B DG  2  1_555 ? ? ? ? ? ? WATSON-CRICK ?     ? ? 
# 
loop_
_struct_conn_type.id 
_struct_conn_type.criteria 
_struct_conn_type.reference 
covale ? ? 
hydrog ? ? 
# 
_pdbx_validate_close_contact.id               1 
_pdbx_validate_close_contact.PDB_model_num    1 
_pdbx_validate_close_contact.auth_atom_id_1   N4 
_pdbx_validate_close_contact.auth_asym_id_1   A 
_pdbx_validate_close_contact.auth_comp_id_1   DC 
_pdbx_validate_close_contact.auth_seq_id_1    6 
_pdbx_validate_close_contact.PDB_ins_code_1   ? 
_pdbx_validate_close_contact.label_alt_id_1   ? 
_pdbx_validate_close_contact.auth_atom_id_2   C10 
_pdbx_validate_close_contact.auth_asym_id_2   B 
_pdbx_validate_close_contact.auth_comp_id_2   D00 
_pdbx_validate_close_contact.auth_seq_id_2    6 
_pdbx_validate_close_contact.PDB_ins_code_2   ? 
_pdbx_validate_close_contact.label_alt_id_2   ? 
_pdbx_validate_close_contact.dist             1.47 
# 
loop_
_pdbx_validate_rmsd_angle.id 
_pdbx_validate_rmsd_angle.PDB_model_num 
_pdbx_validate_rmsd_angle.auth_atom_id_1 
_pdbx_validate_rmsd_angle.auth_asym_id_1 
_pdbx_validate_rmsd_angle.auth_comp_id_1 
_pdbx_validate_rmsd_angle.auth_seq_id_1 
_pdbx_validate_rmsd_angle.PDB_ins_code_1 
_pdbx_validate_rmsd_angle.label_alt_id_1 
_pdbx_validate_rmsd_angle.auth_atom_id_2 
_pdbx_validate_rmsd_angle.auth_asym_id_2 
_pdbx_validate_rmsd_angle.auth_comp_id_2 
_pdbx_validate_rmsd_angle.auth_seq_id_2 
_pdbx_validate_rmsd_angle.PDB_ins_code_2 
_pdbx_validate_rmsd_angle.label_alt_id_2 
_pdbx_validate_rmsd_angle.auth_atom_id_3 
_pdbx_validate_rmsd_angle.auth_asym_id_3 
_pdbx_validate_rmsd_angle.auth_comp_id_3 
_pdbx_validate_rmsd_angle.auth_seq_id_3 
_pdbx_validate_rmsd_angle.PDB_ins_code_3 
_pdbx_validate_rmsd_angle.label_alt_id_3 
_pdbx_validate_rmsd_angle.angle_value 
_pdbx_validate_rmsd_angle.angle_target_value 
_pdbx_validate_rmsd_angle.angle_deviation 
_pdbx_validate_rmsd_angle.angle_standard_deviation 
_pdbx_validate_rmsd_angle.linker_flag 
1  1 "O4'" A DC 1  ? ? "C1'" A DC 1  ? ? N1    A DC 1  ? ? 112.20 108.30 3.90   0.30 N 
2  1 "O4'" A DG 2  ? ? "C1'" A DG 2  ? ? "C2'" A DG 2  ? ? 100.59 105.90 -5.31  0.80 N 
3  1 "O4'" A DG 2  ? ? "C1'" A DG 2  ? ? N9    A DG 2  ? ? 103.26 108.00 -4.74  0.70 N 
4  1 "O4'" A DA 3  ? ? "C1'" A DA 3  ? ? N9    A DA 3  ? ? 111.70 108.30 3.40   0.30 N 
5  1 "C1'" A DA 4  ? ? "O4'" A DA 4  ? ? "C4'" A DA 4  ? ? 102.29 110.10 -7.81  1.00 N 
6  1 "C4'" A DA 4  ? ? "C3'" A DA 4  ? ? "C2'" A DA 4  ? ? 97.92  102.20 -4.28  0.70 N 
7  1 "O4'" A DA 4  ? ? "C1'" A DA 4  ? ? "C2'" A DA 4  ? ? 94.97  105.90 -10.93 0.80 N 
8  1 "O4'" A DC 6  ? ? "C1'" A DC 6  ? ? "C2'" A DC 6  ? ? 94.80  105.90 -11.10 0.80 N 
9  1 "O4'" A DC 6  ? ? "C1'" A DC 6  ? ? N1    A DC 6  ? ? 100.87 108.00 -7.13  0.70 N 
10 1 C2    A DC 6  ? ? N3    A DC 6  ? ? C4    A DC 6  ? ? 124.47 119.90 4.57   0.50 N 
11 1 N3    A DC 6  ? ? C4    A DC 6  ? ? C5    A DC 6  ? ? 116.60 121.90 -5.30  0.40 N 
12 1 "O4'" A DT 7  ? ? "C1'" A DT 7  ? ? "C2'" A DT 7  ? ? 96.47  105.90 -9.43  0.80 N 
13 1 C4    A DT 7  ? ? C5    A DT 7  ? ? C6    A DT 7  ? ? 121.98 118.00 3.98   0.60 N 
14 1 C6    A DT 7  ? ? C5    A DT 7  ? ? C7    A DT 7  ? ? 118.21 122.90 -4.69  0.60 N 
15 1 "O4'" A DT 8  ? ? "C1'" A DT 8  ? ? "C2'" A DT 8  ? ? 96.13  105.90 -9.77  0.80 N 
16 1 "C5'" A DT 9  ? ? "C4'" A DT 9  ? ? "O4'" A DT 9  ? ? 117.73 109.80 7.93   1.10 N 
17 1 "O4'" A DT 9  ? ? "C1'" A DT 9  ? ? "C2'" A DT 9  ? ? 95.26  105.90 -10.64 0.80 N 
18 1 C6    A DT 9  ? ? C5    A DT 9  ? ? C7    A DT 9  ? ? 119.10 122.90 -3.80  0.60 N 
19 1 "C1'" A DC 10 ? ? "O4'" A DC 10 ? ? "C4'" A DC 10 ? ? 103.94 110.10 -6.16  1.00 N 
20 1 "O4'" A DC 10 ? ? "C1'" A DC 10 ? ? "C2'" A DC 10 ? ? 92.87  105.90 -13.03 0.80 N 
21 1 "O4'" A DC 10 ? ? "C1'" A DC 10 ? ? N1    A DC 10 ? ? 111.70 108.30 3.40   0.30 N 
22 1 "O4'" A DG 11 ? ? "C4'" A DG 11 ? ? "C3'" A DG 11 ? ? 101.88 104.50 -2.62  0.40 N 
23 1 "O4'" B DC 1  ? ? "C1'" B DC 1  ? ? N1    B DC 1  ? ? 112.18 108.30 3.88   0.30 N 
24 1 "O4'" B DG 2  ? ? "C1'" B DG 2  ? ? "C2'" B DG 2  ? ? 100.17 105.90 -5.73  0.80 N 
25 1 "O4'" B DG 2  ? ? "C1'" B DG 2  ? ? N9    B DG 2  ? ? 103.12 108.00 -4.88  0.70 N 
26 1 "C4'" B DA 3  ? ? "C3'" B DA 3  ? ? "C2'" B DA 3  ? ? 97.76  102.20 -4.44  0.70 N 
27 1 "O4'" B DA 3  ? ? "C1'" B DA 3  ? ? N9    B DA 3  ? ? 111.18 108.30 2.88   0.30 N 
28 1 "C1'" B DA 4  ? ? "O4'" B DA 4  ? ? "C4'" B DA 4  ? ? 102.77 110.10 -7.33  1.00 N 
29 1 "O4'" B DA 4  ? ? "C1'" B DA 4  ? ? "C2'" B DA 4  ? ? 94.47  105.90 -11.43 0.80 N 
30 1 "O4'" B DT 7  ? ? "C1'" B DT 7  ? ? "C2'" B DT 7  ? ? 96.14  105.90 -9.76  0.80 N 
31 1 C4    B DT 7  ? ? C5    B DT 7  ? ? C6    B DT 7  ? ? 121.88 118.00 3.88   0.60 N 
32 1 C6    B DT 7  ? ? C5    B DT 7  ? ? C7    B DT 7  ? ? 118.52 122.90 -4.38  0.60 N 
33 1 "O4'" B DT 8  ? ? "C1'" B DT 8  ? ? "C2'" B DT 8  ? ? 95.46  105.90 -10.44 0.80 N 
34 1 C4    B DT 8  ? ? C5    B DT 8  ? ? C6    B DT 8  ? ? 121.62 118.00 3.62   0.60 N 
35 1 "C5'" B DT 9  ? ? "C4'" B DT 9  ? ? "O4'" B DT 9  ? ? 117.39 109.80 7.59   1.10 N 
36 1 "O4'" B DT 9  ? ? "C1'" B DT 9  ? ? "C2'" B DT 9  ? ? 94.85  105.90 -11.05 0.80 N 
37 1 C6    B DT 9  ? ? C5    B DT 9  ? ? C7    B DT 9  ? ? 119.12 122.90 -3.78  0.60 N 
38 1 "C4'" B DC 10 ? ? "C3'" B DC 10 ? ? "O3'" B DC 10 ? ? 124.40 112.30 12.10  2.00 N 
39 1 "O4'" B DC 10 ? ? "C1'" B DC 10 ? ? "C2'" B DC 10 ? ? 92.57  105.90 -13.33 0.80 N 
40 1 "O4'" B DC 10 ? ? "C1'" B DC 10 ? ? N1    B DC 10 ? ? 111.49 108.30 3.19   0.30 N 
41 1 "O4'" B DG 11 ? ? "C4'" B DG 11 ? ? "C3'" B DG 11 ? ? 101.41 104.50 -3.09  0.40 N 
# 
_pdbx_validate_planes.id              1 
_pdbx_validate_planes.PDB_model_num   1 
_pdbx_validate_planes.auth_comp_id    DC 
_pdbx_validate_planes.auth_asym_id    A 
_pdbx_validate_planes.auth_seq_id     6 
_pdbx_validate_planes.PDB_ins_code    ? 
_pdbx_validate_planes.label_alt_id    ? 
_pdbx_validate_planes.rmsd            0.109 
_pdbx_validate_planes.type            'SIDE CHAIN' 
# 
_pdbx_struct_mod_residue.id               1 
_pdbx_struct_mod_residue.label_asym_id    B 
_pdbx_struct_mod_residue.label_comp_id    D00 
_pdbx_struct_mod_residue.label_seq_id     6 
_pdbx_struct_mod_residue.auth_asym_id     B 
_pdbx_struct_mod_residue.auth_comp_id     D00 
_pdbx_struct_mod_residue.auth_seq_id      6 
_pdbx_struct_mod_residue.PDB_ins_code     ? 
_pdbx_struct_mod_residue.parent_comp_id   DC 
_pdbx_struct_mod_residue.details          ? 
# 
_pdbx_nmr_ensemble.entry_id                                      1N4B 
_pdbx_nmr_ensemble.conformers_calculated_total_number            100 
_pdbx_nmr_ensemble.conformers_submitted_total_number             1 
_pdbx_nmr_ensemble.conformer_selection_criteria                  
'the structure submitted is the lowest energy structure of a an ensemble of selected ten structures' 
_pdbx_nmr_ensemble.average_constraints_per_residue               ? 
_pdbx_nmr_ensemble.average_constraint_violations_per_residue     ? 
_pdbx_nmr_ensemble.maximum_distance_constraint_violation         ? 
_pdbx_nmr_ensemble.average_distance_constraint_violation         ? 
_pdbx_nmr_ensemble.maximum_upper_distance_constraint_violation   ? 
_pdbx_nmr_ensemble.maximum_lower_distance_constraint_violation   ? 
_pdbx_nmr_ensemble.distance_constraint_violation_method          ? 
_pdbx_nmr_ensemble.maximum_torsion_angle_constraint_violation    ? 
_pdbx_nmr_ensemble.average_torsion_angle_constraint_violation    ? 
_pdbx_nmr_ensemble.torsion_angle_constraint_violation_method     ? 
# 
_pdbx_nmr_representative.entry_id             1N4B 
_pdbx_nmr_representative.conformer_id         1 
_pdbx_nmr_representative.selection_criteria   'closest to the average,lowest energy' 
# 
_pdbx_nmr_sample_details.solution_id      1 
_pdbx_nmr_sample_details.contents         
;The synthesis by solid phase methods of DNA duplexes that contain an N4-C-ethyl-N4C interstrand cross-link has been described [Biochemistry,41(2002)760-771]. 
2 mM single strand concentration in 0.3 mL containing 10 mM sodium phosphate (pH 7.4) and 100 mM NaCl.
;
_pdbx_nmr_sample_details.solvent_system   'both 1H2O (95%) and 2H2O (5%), and 99.9 % 2H2O.' 
# 
loop_
_pdbx_nmr_exptl_sample_conditions.conditions_id 
_pdbx_nmr_exptl_sample_conditions.temperature 
_pdbx_nmr_exptl_sample_conditions.pressure 
_pdbx_nmr_exptl_sample_conditions.pH 
_pdbx_nmr_exptl_sample_conditions.ionic_strength 
_pdbx_nmr_exptl_sample_conditions.pressure_units 
_pdbx_nmr_exptl_sample_conditions.temperature_units 
1 293 normal 7.4 '100 mM NaCl' ? K 
2 273 normal 7.4 '100 mM NaCl' ? K 
# 
loop_
_pdbx_nmr_exptl.experiment_id 
_pdbx_nmr_exptl.solution_id 
_pdbx_nmr_exptl.conditions_id 
_pdbx_nmr_exptl.type 
1 1 1 '2D NOESY' 
2 1 1 '2D TOCSY' 
3 1 1 DQF-COSY   
4 2 1 '2D NOESY' 
# 
_pdbx_nmr_refine.entry_id           1N4B 
_pdbx_nmr_refine.method             
;distance geometry 
simulated annealing 
molecular dynamics
;
_pdbx_nmr_refine.details            
;A total of 449 restraints were used 
243 non-exchangeable 
53 exchangeable 
44 hydrogen bond  
109 dihedral angle
;
_pdbx_nmr_refine.software_ordinal   1 
# 
_pdbx_nmr_software.name             X-PLOR 
_pdbx_nmr_software.version          3.8 
_pdbx_nmr_software.classification   refinement 
_pdbx_nmr_software.authors          'Brunger, A.T.' 
_pdbx_nmr_software.ordinal          1 
# 
loop_
_chem_comp_atom.comp_id 
_chem_comp_atom.atom_id 
_chem_comp_atom.type_symbol 
_chem_comp_atom.pdbx_aromatic_flag 
_chem_comp_atom.pdbx_stereo_config 
_chem_comp_atom.pdbx_ordinal 
D00 P      P N N 1   
D00 OP1    O N N 2   
D00 OP2    O N N 3   
D00 "O5'"  O N N 4   
D00 "C5'"  C N N 5   
D00 "C4'"  C N R 6   
D00 "O4'"  O N N 7   
D00 "C3'"  C N S 8   
D00 "O3'"  O N N 9   
D00 "C2'"  C N N 10  
D00 "C1'"  C N R 11  
D00 N1     N N N 12  
D00 C2     C N N 13  
D00 O2     O N N 14  
D00 N3     N N N 15  
D00 C4     C N N 16  
D00 N4     N N N 17  
D00 C5     C N N 18  
D00 C6     C N N 19  
D00 C10    C N N 20  
D00 C11    C N N 21  
D00 OP3    O N N 22  
D00 H1     H N N 23  
D00 "H5''" H N N 24  
D00 "H5'"  H N N 25  
D00 "H4'"  H N N 26  
D00 "H3'"  H N N 27  
D00 "HO3'" H N N 28  
D00 "H2''" H N N 29  
D00 "H2'"  H N N 30  
D00 "H1'"  H N N 31  
D00 H41    H N N 32  
D00 H5     H N N 33  
D00 H6     H N N 34  
D00 H12    H N N 35  
D00 H11    H N N 36  
D00 H8     H N N 37  
D00 H13    H N N 38  
D00 H14    H N N 39  
D00 H9     H N N 40  
DA  OP3    O N N 41  
DA  P      P N N 42  
DA  OP1    O N N 43  
DA  OP2    O N N 44  
DA  "O5'"  O N N 45  
DA  "C5'"  C N N 46  
DA  "C4'"  C N R 47  
DA  "O4'"  O N N 48  
DA  "C3'"  C N S 49  
DA  "O3'"  O N N 50  
DA  "C2'"  C N N 51  
DA  "C1'"  C N R 52  
DA  N9     N Y N 53  
DA  C8     C Y N 54  
DA  N7     N Y N 55  
DA  C5     C Y N 56  
DA  C6     C Y N 57  
DA  N6     N N N 58  
DA  N1     N Y N 59  
DA  C2     C Y N 60  
DA  N3     N Y N 61  
DA  C4     C Y N 62  
DA  HOP3   H N N 63  
DA  HOP2   H N N 64  
DA  "H5'"  H N N 65  
DA  "H5''" H N N 66  
DA  "H4'"  H N N 67  
DA  "H3'"  H N N 68  
DA  "HO3'" H N N 69  
DA  "H2'"  H N N 70  
DA  "H2''" H N N 71  
DA  "H1'"  H N N 72  
DA  H8     H N N 73  
DA  H61    H N N 74  
DA  H62    H N N 75  
DA  H2     H N N 76  
DC  OP3    O N N 77  
DC  P      P N N 78  
DC  OP1    O N N 79  
DC  OP2    O N N 80  
DC  "O5'"  O N N 81  
DC  "C5'"  C N N 82  
DC  "C4'"  C N R 83  
DC  "O4'"  O N N 84  
DC  "C3'"  C N S 85  
DC  "O3'"  O N N 86  
DC  "C2'"  C N N 87  
DC  "C1'"  C N R 88  
DC  N1     N N N 89  
DC  C2     C N N 90  
DC  O2     O N N 91  
DC  N3     N N N 92  
DC  C4     C N N 93  
DC  N4     N N N 94  
DC  C5     C N N 95  
DC  C6     C N N 96  
DC  HOP3   H N N 97  
DC  HOP2   H N N 98  
DC  "H5'"  H N N 99  
DC  "H5''" H N N 100 
DC  "H4'"  H N N 101 
DC  "H3'"  H N N 102 
DC  "HO3'" H N N 103 
DC  "H2'"  H N N 104 
DC  "H2''" H N N 105 
DC  "H1'"  H N N 106 
DC  H41    H N N 107 
DC  H42    H N N 108 
DC  H5     H N N 109 
DC  H6     H N N 110 
DG  OP3    O N N 111 
DG  P      P N N 112 
DG  OP1    O N N 113 
DG  OP2    O N N 114 
DG  "O5'"  O N N 115 
DG  "C5'"  C N N 116 
DG  "C4'"  C N R 117 
DG  "O4'"  O N N 118 
DG  "C3'"  C N S 119 
DG  "O3'"  O N N 120 
DG  "C2'"  C N N 121 
DG  "C1'"  C N R 122 
DG  N9     N Y N 123 
DG  C8     C Y N 124 
DG  N7     N Y N 125 
DG  C5     C Y N 126 
DG  C6     C N N 127 
DG  O6     O N N 128 
DG  N1     N N N 129 
DG  C2     C N N 130 
DG  N2     N N N 131 
DG  N3     N N N 132 
DG  C4     C Y N 133 
DG  HOP3   H N N 134 
DG  HOP2   H N N 135 
DG  "H5'"  H N N 136 
DG  "H5''" H N N 137 
DG  "H4'"  H N N 138 
DG  "H3'"  H N N 139 
DG  "HO3'" H N N 140 
DG  "H2'"  H N N 141 
DG  "H2''" H N N 142 
DG  "H1'"  H N N 143 
DG  H8     H N N 144 
DG  H1     H N N 145 
DG  H21    H N N 146 
DG  H22    H N N 147 
DT  OP3    O N N 148 
DT  P      P N N 149 
DT  OP1    O N N 150 
DT  OP2    O N N 151 
DT  "O5'"  O N N 152 
DT  "C5'"  C N N 153 
DT  "C4'"  C N R 154 
DT  "O4'"  O N N 155 
DT  "C3'"  C N S 156 
DT  "O3'"  O N N 157 
DT  "C2'"  C N N 158 
DT  "C1'"  C N R 159 
DT  N1     N N N 160 
DT  C2     C N N 161 
DT  O2     O N N 162 
DT  N3     N N N 163 
DT  C4     C N N 164 
DT  O4     O N N 165 
DT  C5     C N N 166 
DT  C7     C N N 167 
DT  C6     C N N 168 
DT  HOP3   H N N 169 
DT  HOP2   H N N 170 
DT  "H5'"  H N N 171 
DT  "H5''" H N N 172 
DT  "H4'"  H N N 173 
DT  "H3'"  H N N 174 
DT  "HO3'" H N N 175 
DT  "H2'"  H N N 176 
DT  "H2''" H N N 177 
DT  "H1'"  H N N 178 
DT  H3     H N N 179 
DT  H71    H N N 180 
DT  H72    H N N 181 
DT  H73    H N N 182 
DT  H6     H N N 183 
# 
loop_
_chem_comp_bond.comp_id 
_chem_comp_bond.atom_id_1 
_chem_comp_bond.atom_id_2 
_chem_comp_bond.value_order 
_chem_comp_bond.pdbx_aromatic_flag 
_chem_comp_bond.pdbx_stereo_config 
_chem_comp_bond.pdbx_ordinal 
D00 OP2   P      doub N N 1   
D00 "C2'" "C3'"  sing N N 2   
D00 "C2'" "C1'"  sing N N 3   
D00 "C3'" "O3'"  sing N N 4   
D00 "C3'" "C4'"  sing N N 5   
D00 "O5'" P      sing N N 6   
D00 "O5'" "C5'"  sing N N 7   
D00 OP1   P      sing N N 8   
D00 C6    C5     doub N N 9   
D00 C6    N1     sing N N 10  
D00 C5    C4     sing N N 11  
D00 "C5'" "C4'"  sing N N 12  
D00 "C4'" "O4'"  sing N N 13  
D00 "C1'" N1     sing N N 14  
D00 "C1'" "O4'"  sing N N 15  
D00 N1    C2     sing N N 16  
D00 C4    N4     sing N N 17  
D00 C4    N3     doub N N 18  
D00 C2    N3     sing N N 19  
D00 C2    O2     doub N N 20  
D00 N4    C11    sing N N 21  
D00 C11   C10    sing N N 22  
D00 P     OP3    sing N N 23  
D00 OP1   H1     sing N N 24  
D00 "C5'" "H5''" sing N N 25  
D00 "C5'" "H5'"  sing N N 26  
D00 "C4'" "H4'"  sing N N 27  
D00 "C3'" "H3'"  sing N N 28  
D00 "O3'" "HO3'" sing N N 29  
D00 "C2'" "H2''" sing N N 30  
D00 "C2'" "H2'"  sing N N 31  
D00 "C1'" "H1'"  sing N N 32  
D00 N4    H41    sing N N 33  
D00 C5    H5     sing N N 34  
D00 C6    H6     sing N N 35  
D00 C10   H12    sing N N 36  
D00 C10   H11    sing N N 37  
D00 C10   H8     sing N N 38  
D00 C11   H13    sing N N 39  
D00 C11   H14    sing N N 40  
D00 OP3   H9     sing N N 41  
DA  OP3   P      sing N N 42  
DA  OP3   HOP3   sing N N 43  
DA  P     OP1    doub N N 44  
DA  P     OP2    sing N N 45  
DA  P     "O5'"  sing N N 46  
DA  OP2   HOP2   sing N N 47  
DA  "O5'" "C5'"  sing N N 48  
DA  "C5'" "C4'"  sing N N 49  
DA  "C5'" "H5'"  sing N N 50  
DA  "C5'" "H5''" sing N N 51  
DA  "C4'" "O4'"  sing N N 52  
DA  "C4'" "C3'"  sing N N 53  
DA  "C4'" "H4'"  sing N N 54  
DA  "O4'" "C1'"  sing N N 55  
DA  "C3'" "O3'"  sing N N 56  
DA  "C3'" "C2'"  sing N N 57  
DA  "C3'" "H3'"  sing N N 58  
DA  "O3'" "HO3'" sing N N 59  
DA  "C2'" "C1'"  sing N N 60  
DA  "C2'" "H2'"  sing N N 61  
DA  "C2'" "H2''" sing N N 62  
DA  "C1'" N9     sing N N 63  
DA  "C1'" "H1'"  sing N N 64  
DA  N9    C8     sing Y N 65  
DA  N9    C4     sing Y N 66  
DA  C8    N7     doub Y N 67  
DA  C8    H8     sing N N 68  
DA  N7    C5     sing Y N 69  
DA  C5    C6     sing Y N 70  
DA  C5    C4     doub Y N 71  
DA  C6    N6     sing N N 72  
DA  C6    N1     doub Y N 73  
DA  N6    H61    sing N N 74  
DA  N6    H62    sing N N 75  
DA  N1    C2     sing Y N 76  
DA  C2    N3     doub Y N 77  
DA  C2    H2     sing N N 78  
DA  N3    C4     sing Y N 79  
DC  OP3   P      sing N N 80  
DC  OP3   HOP3   sing N N 81  
DC  P     OP1    doub N N 82  
DC  P     OP2    sing N N 83  
DC  P     "O5'"  sing N N 84  
DC  OP2   HOP2   sing N N 85  
DC  "O5'" "C5'"  sing N N 86  
DC  "C5'" "C4'"  sing N N 87  
DC  "C5'" "H5'"  sing N N 88  
DC  "C5'" "H5''" sing N N 89  
DC  "C4'" "O4'"  sing N N 90  
DC  "C4'" "C3'"  sing N N 91  
DC  "C4'" "H4'"  sing N N 92  
DC  "O4'" "C1'"  sing N N 93  
DC  "C3'" "O3'"  sing N N 94  
DC  "C3'" "C2'"  sing N N 95  
DC  "C3'" "H3'"  sing N N 96  
DC  "O3'" "HO3'" sing N N 97  
DC  "C2'" "C1'"  sing N N 98  
DC  "C2'" "H2'"  sing N N 99  
DC  "C2'" "H2''" sing N N 100 
DC  "C1'" N1     sing N N 101 
DC  "C1'" "H1'"  sing N N 102 
DC  N1    C2     sing N N 103 
DC  N1    C6     sing N N 104 
DC  C2    O2     doub N N 105 
DC  C2    N3     sing N N 106 
DC  N3    C4     doub N N 107 
DC  C4    N4     sing N N 108 
DC  C4    C5     sing N N 109 
DC  N4    H41    sing N N 110 
DC  N4    H42    sing N N 111 
DC  C5    C6     doub N N 112 
DC  C5    H5     sing N N 113 
DC  C6    H6     sing N N 114 
DG  OP3   P      sing N N 115 
DG  OP3   HOP3   sing N N 116 
DG  P     OP1    doub N N 117 
DG  P     OP2    sing N N 118 
DG  P     "O5'"  sing N N 119 
DG  OP2   HOP2   sing N N 120 
DG  "O5'" "C5'"  sing N N 121 
DG  "C5'" "C4'"  sing N N 122 
DG  "C5'" "H5'"  sing N N 123 
DG  "C5'" "H5''" sing N N 124 
DG  "C4'" "O4'"  sing N N 125 
DG  "C4'" "C3'"  sing N N 126 
DG  "C4'" "H4'"  sing N N 127 
DG  "O4'" "C1'"  sing N N 128 
DG  "C3'" "O3'"  sing N N 129 
DG  "C3'" "C2'"  sing N N 130 
DG  "C3'" "H3'"  sing N N 131 
DG  "O3'" "HO3'" sing N N 132 
DG  "C2'" "C1'"  sing N N 133 
DG  "C2'" "H2'"  sing N N 134 
DG  "C2'" "H2''" sing N N 135 
DG  "C1'" N9     sing N N 136 
DG  "C1'" "H1'"  sing N N 137 
DG  N9    C8     sing Y N 138 
DG  N9    C4     sing Y N 139 
DG  C8    N7     doub Y N 140 
DG  C8    H8     sing N N 141 
DG  N7    C5     sing Y N 142 
DG  C5    C6     sing N N 143 
DG  C5    C4     doub Y N 144 
DG  C6    O6     doub N N 145 
DG  C6    N1     sing N N 146 
DG  N1    C2     sing N N 147 
DG  N1    H1     sing N N 148 
DG  C2    N2     sing N N 149 
DG  C2    N3     doub N N 150 
DG  N2    H21    sing N N 151 
DG  N2    H22    sing N N 152 
DG  N3    C4     sing N N 153 
DT  OP3   P      sing N N 154 
DT  OP3   HOP3   sing N N 155 
DT  P     OP1    doub N N 156 
DT  P     OP2    sing N N 157 
DT  P     "O5'"  sing N N 158 
DT  OP2   HOP2   sing N N 159 
DT  "O5'" "C5'"  sing N N 160 
DT  "C5'" "C4'"  sing N N 161 
DT  "C5'" "H5'"  sing N N 162 
DT  "C5'" "H5''" sing N N 163 
DT  "C4'" "O4'"  sing N N 164 
DT  "C4'" "C3'"  sing N N 165 
DT  "C4'" "H4'"  sing N N 166 
DT  "O4'" "C1'"  sing N N 167 
DT  "C3'" "O3'"  sing N N 168 
DT  "C3'" "C2'"  sing N N 169 
DT  "C3'" "H3'"  sing N N 170 
DT  "O3'" "HO3'" sing N N 171 
DT  "C2'" "C1'"  sing N N 172 
DT  "C2'" "H2'"  sing N N 173 
DT  "C2'" "H2''" sing N N 174 
DT  "C1'" N1     sing N N 175 
DT  "C1'" "H1'"  sing N N 176 
DT  N1    C2     sing N N 177 
DT  N1    C6     sing N N 178 
DT  C2    O2     doub N N 179 
DT  C2    N3     sing N N 180 
DT  N3    C4     sing N N 181 
DT  N3    H3     sing N N 182 
DT  C4    O4     doub N N 183 
DT  C4    C5     sing N N 184 
DT  C5    C7     sing N N 185 
DT  C5    C6     doub N N 186 
DT  C7    H71    sing N N 187 
DT  C7    H72    sing N N 188 
DT  C7    H73    sing N N 189 
DT  C6    H6     sing N N 190 
# 
loop_
_ndb_struct_conf_na.entry_id 
_ndb_struct_conf_na.feature 
1N4B 'b-form double helix' 
1N4B 'triple helix'        
# 
loop_
_ndb_struct_na_base_pair.model_number 
_ndb_struct_na_base_pair.i_label_asym_id 
_ndb_struct_na_base_pair.i_label_comp_id 
_ndb_struct_na_base_pair.i_label_seq_id 
_ndb_struct_na_base_pair.i_symmetry 
_ndb_struct_na_base_pair.j_label_asym_id 
_ndb_struct_na_base_pair.j_label_comp_id 
_ndb_struct_na_base_pair.j_label_seq_id 
_ndb_struct_na_base_pair.j_symmetry 
_ndb_struct_na_base_pair.shear 
_ndb_struct_na_base_pair.stretch 
_ndb_struct_na_base_pair.stagger 
_ndb_struct_na_base_pair.buckle 
_ndb_struct_na_base_pair.propeller 
_ndb_struct_na_base_pair.opening 
_ndb_struct_na_base_pair.pair_number 
_ndb_struct_na_base_pair.pair_name 
_ndb_struct_na_base_pair.i_auth_asym_id 
_ndb_struct_na_base_pair.i_auth_seq_id 
_ndb_struct_na_base_pair.i_PDB_ins_code 
_ndb_struct_na_base_pair.j_auth_asym_id 
_ndb_struct_na_base_pair.j_auth_seq_id 
_ndb_struct_na_base_pair.j_PDB_ins_code 
_ndb_struct_na_base_pair.hbond_type_28 
_ndb_struct_na_base_pair.hbond_type_12 
1 A DG 2  1_555 B DC 10 1_555 -0.634 -0.408 -0.512 -2.253  3.774   -3.265 1 A_DG2:DC10_B A 2  ? B 10 ? 19 1 
1 A DA 3  1_555 B DT 9  1_555 0.121  -0.135 -0.434 20.467  -1.950  3.706  2 A_DA3:DT9_B  A 3  ? B 9  ? 20 1 
1 A DA 4  1_555 B DT 8  1_555 -0.196 -0.377 -0.382 34.624  -12.747 2.568  3 A_DA4:DT8_B  A 4  ? B 8  ? 20 1 
1 A DT 8  1_555 B DA 4  1_555 0.203  -0.364 -0.388 -34.711 -12.734 2.579  4 A_DT8:DA4_B  A 8  ? B 4  ? 20 1 
1 A DT 9  1_555 B DA 3  1_555 -0.110 -0.125 -0.443 -20.440 -1.858  3.830  5 A_DT9:DA3_B  A 9  ? B 3  ? 20 1 
1 A DC 10 1_555 B DG 2  1_555 0.653  -0.407 -0.519 2.413   3.867   -3.247 6 A_DC10:DG2_B A 10 ? B 2  ? 19 1 
# 
loop_
_ndb_struct_na_base_pair_step.model_number 
_ndb_struct_na_base_pair_step.i_label_asym_id_1 
_ndb_struct_na_base_pair_step.i_label_comp_id_1 
_ndb_struct_na_base_pair_step.i_label_seq_id_1 
_ndb_struct_na_base_pair_step.i_symmetry_1 
_ndb_struct_na_base_pair_step.j_label_asym_id_1 
_ndb_struct_na_base_pair_step.j_label_comp_id_1 
_ndb_struct_na_base_pair_step.j_label_seq_id_1 
_ndb_struct_na_base_pair_step.j_symmetry_1 
_ndb_struct_na_base_pair_step.i_label_asym_id_2 
_ndb_struct_na_base_pair_step.i_label_comp_id_2 
_ndb_struct_na_base_pair_step.i_label_seq_id_2 
_ndb_struct_na_base_pair_step.i_symmetry_2 
_ndb_struct_na_base_pair_step.j_label_asym_id_2 
_ndb_struct_na_base_pair_step.j_label_comp_id_2 
_ndb_struct_na_base_pair_step.j_label_seq_id_2 
_ndb_struct_na_base_pair_step.j_symmetry_2 
_ndb_struct_na_base_pair_step.shift 
_ndb_struct_na_base_pair_step.slide 
_ndb_struct_na_base_pair_step.rise 
_ndb_struct_na_base_pair_step.tilt 
_ndb_struct_na_base_pair_step.roll 
_ndb_struct_na_base_pair_step.twist 
_ndb_struct_na_base_pair_step.x_displacement 
_ndb_struct_na_base_pair_step.y_displacement 
_ndb_struct_na_base_pair_step.helical_rise 
_ndb_struct_na_base_pair_step.inclination 
_ndb_struct_na_base_pair_step.tip 
_ndb_struct_na_base_pair_step.helical_twist 
_ndb_struct_na_base_pair_step.step_number 
_ndb_struct_na_base_pair_step.step_name 
_ndb_struct_na_base_pair_step.i_auth_asym_id_1 
_ndb_struct_na_base_pair_step.i_auth_seq_id_1 
_ndb_struct_na_base_pair_step.i_PDB_ins_code_1 
_ndb_struct_na_base_pair_step.j_auth_asym_id_1 
_ndb_struct_na_base_pair_step.j_auth_seq_id_1 
_ndb_struct_na_base_pair_step.j_PDB_ins_code_1 
_ndb_struct_na_base_pair_step.i_auth_asym_id_2 
_ndb_struct_na_base_pair_step.i_auth_seq_id_2 
_ndb_struct_na_base_pair_step.i_PDB_ins_code_2 
_ndb_struct_na_base_pair_step.j_auth_asym_id_2 
_ndb_struct_na_base_pair_step.j_auth_seq_id_2 
_ndb_struct_na_base_pair_step.j_PDB_ins_code_2 
1 A DG 2 1_555 B DC 10 1_555 A DA 3  1_555 B DT 9 1_555 -0.256 0.225 2.676 0.229  2.598 36.192 0.064  0.437  2.684 4.176 -0.367 
36.282 1 AA_DG2DA3:DT9DC10_BB A 2 ? B 10 ? A 3  ? B 9 ? 
1 A DA 3 1_555 B DT 9  1_555 A DA 4  1_555 B DT 8 1_555 -0.343 0.108 2.798 -1.405 2.514 28.352 -0.275 0.421  2.810 5.116 2.859  
28.495 2 AA_DA3DA4:DT8DT9_BB  A 3 ? B 9  ? A 4  ? B 8 ? 
1 A DT 8 1_555 B DA 4  1_555 A DT 9  1_555 B DA 3 1_555 0.342  0.111 2.795 1.436  2.482 28.301 -0.263 -0.414 2.807 5.060 -2.928 
28.443 3 AA_DT8DT9:DA3DA4_BB  A 8 ? B 4  ? A 9  ? B 3 ? 
1 A DT 9 1_555 B DA 3  1_555 A DC 10 1_555 B DG 2 1_555 0.252  0.228 2.674 -0.260 2.676 36.240 0.059  -0.434 2.681 4.294 0.418  
36.337 4 AA_DT9DC10:DG2DA3_BB A 9 ? B 3  ? A 10 ? B 2 ? 
# 
loop_
_pdbx_nmr_spectrometer.spectrometer_id 
_pdbx_nmr_spectrometer.type 
_pdbx_nmr_spectrometer.manufacturer 
_pdbx_nmr_spectrometer.model 
_pdbx_nmr_spectrometer.field_strength 
1 ? Varian INOVA 800 
2 ? Varian INOVA 600 
3 ? Varian INOVA 500 
# 
_atom_sites.entry_id                    1N4B 
_atom_sites.fract_transf_matrix[1][1]   1.000000 
_atom_sites.fract_transf_matrix[1][2]   0.000000 
_atom_sites.fract_transf_matrix[1][3]   0.000000 
_atom_sites.fract_transf_matrix[2][1]   0.000000 
_atom_sites.fract_transf_matrix[2][2]   1.000000 
_atom_sites.fract_transf_matrix[2][3]   0.000000 
_atom_sites.fract_transf_matrix[3][1]   0.000000 
_atom_sites.fract_transf_matrix[3][2]   0.000000 
_atom_sites.fract_transf_matrix[3][3]   1.000000 
_atom_sites.fract_transf_vector[1]      0.00000 
_atom_sites.fract_transf_vector[2]      0.00000 
_atom_sites.fract_transf_vector[3]      0.00000 
# 
loop_
_atom_type.symbol 
C 
H 
N 
O 
P 
# 
loop_
_atom_site.group_PDB 
_atom_site.id 
_atom_site.type_symbol 
_atom_site.label_atom_id 
_atom_site.label_alt_id 
_atom_site.label_comp_id 
_atom_site.label_asym_id 
_atom_site.label_entity_id 
_atom_site.label_seq_id 
_atom_site.pdbx_PDB_ins_code 
_atom_site.Cartn_x 
_atom_site.Cartn_y 
_atom_site.Cartn_z 
_atom_site.occupancy 
_atom_site.B_iso_or_equiv 
_atom_site.pdbx_formal_charge 
_atom_site.auth_seq_id 
_atom_site.auth_comp_id 
_atom_site.auth_asym_id 
_atom_site.auth_atom_id 
_atom_site.pdbx_PDB_model_num 
ATOM   1   O "O5'"  . DC  A 1 1  ? 5.494   -15.807 -9.498  1.00 0.68 ? 1  DC  A "O5'"  1 
ATOM   2   C "C5'"  . DC  A 1 1  ? 6.519   -16.646 -8.974  1.00 0.59 ? 1  DC  A "C5'"  1 
ATOM   3   C "C4'"  . DC  A 1 1  ? 7.704   -15.769 -8.637  1.00 0.49 ? 1  DC  A "C4'"  1 
ATOM   4   O "O4'"  . DC  A 1 1  ? 7.859   -14.968 -9.816  1.00 0.49 ? 1  DC  A "O4'"  1 
ATOM   5   C "C3'"  . DC  A 1 1  ? 7.474   -14.732 -7.551  1.00 0.41 ? 1  DC  A "C3'"  1 
ATOM   6   O "O3'"  . DC  A 1 1  ? 7.601   -15.119 -6.186  1.00 0.40 ? 1  DC  A "O3'"  1 
ATOM   7   C "C2'"  . DC  A 1 1  ? 8.563   -13.740 -7.941  1.00 0.38 ? 1  DC  A "C2'"  1 
ATOM   8   C "C1'"  . DC  A 1 1  ? 8.385   -13.679 -9.449  1.00 0.42 ? 1  DC  A "C1'"  1 
ATOM   9   N N1     . DC  A 1 1  ? 7.565   -12.574 -9.974  1.00 0.38 ? 1  DC  A N1     1 
ATOM   10  C C2     . DC  A 1 1  ? 8.171   -11.605 -10.758 1.00 0.41 ? 1  DC  A C2     1 
ATOM   11  O O2     . DC  A 1 1  ? 9.366   -11.672 -11.041 1.00 0.45 ? 1  DC  A O2     1 
ATOM   12  N N3     . DC  A 1 1  ? 7.403   -10.577 -11.212 1.00 0.41 ? 1  DC  A N3     1 
ATOM   13  C C4     . DC  A 1 1  ? 6.094   -10.491 -10.913 1.00 0.37 ? 1  DC  A C4     1 
ATOM   14  N N4     . DC  A 1 1  ? 5.372   -9.452  -11.364 1.00 0.40 ? 1  DC  A N4     1 
ATOM   15  C C5     . DC  A 1 1  ? 5.472   -11.502 -10.101 1.00 0.36 ? 1  DC  A C5     1 
ATOM   16  C C6     . DC  A 1 1  ? 6.253   -12.514 -9.667  1.00 0.37 ? 1  DC  A C6     1 
ATOM   17  H "H5'"  . DC  A 1 1  ? 6.808   -17.375 -9.730  1.00 0.62 ? 1  DC  A "H5'"  1 
ATOM   18  H "H5''" . DC  A 1 1  ? 6.170   -17.162 -8.079  1.00 0.64 ? 1  DC  A "H5''" 1 
ATOM   19  H "H4'"  . DC  A 1 1  ? 8.587   -16.359 -8.462  1.00 0.51 ? 1  DC  A "H4'"  1 
ATOM   20  H "H3'"  . DC  A 1 1  ? 6.492   -14.274 -7.602  1.00 0.42 ? 1  DC  A "H3'"  1 
ATOM   21  H "H2'"  . DC  A 1 1  ? 8.307   -12.758 -7.574  1.00 0.34 ? 1  DC  A "H2'"  1 
ATOM   22  H "H2''" . DC  A 1 1  ? 9.570   -14.025 -7.624  1.00 0.41 ? 1  DC  A "H2''" 1 
ATOM   23  H "H1'"  . DC  A 1 1  ? 9.386   -13.471 -9.785  1.00 0.49 ? 1  DC  A "H1'"  1 
ATOM   24  H H41    . DC  A 1 1  ? 5.722   -8.768  -12.017 1.00 0.44 ? 1  DC  A H41    1 
ATOM   25  H H42    . DC  A 1 1  ? 4.432   -9.338  -11.030 1.00 0.42 ? 1  DC  A H42    1 
ATOM   26  H H5     . DC  A 1 1  ? 4.423   -11.480 -9.824  1.00 0.39 ? 1  DC  A H5     1 
ATOM   27  H H6     . DC  A 1 1  ? 5.940   -13.367 -9.073  1.00 0.38 ? 1  DC  A H6     1 
ATOM   28  H "HO5'" . DC  A 1 1  ? 5.968   -15.208 -10.080 1.00 0.96 ? 1  DC  A "HO5'" 1 
ATOM   29  P P      . DG  A 1 2  ? 6.662   -14.380 -5.111  1.00 0.40 ? 2  DG  A P      1 
ATOM   30  O OP1    . DG  A 1 2  ? 6.858   -15.026 -3.795  1.00 0.50 ? 2  DG  A OP1    1 
ATOM   31  O OP2    . DG  A 1 2  ? 5.307   -14.261 -5.693  1.00 0.51 ? 2  DG  A OP2    1 
ATOM   32  O "O5'"  . DG  A 1 2  ? 7.310   -12.921 -5.061  1.00 0.33 ? 2  DG  A "O5'"  1 
ATOM   33  C "C5'"  . DG  A 1 2  ? 8.681   -12.838 -4.691  1.00 0.35 ? 2  DG  A "C5'"  1 
ATOM   34  C "C4'"  . DG  A 1 2  ? 9.093   -11.394 -4.504  1.00 0.32 ? 2  DG  A "C4'"  1 
ATOM   35  O "O4'"  . DG  A 1 2  ? 8.927   -10.634 -5.690  1.00 0.30 ? 2  DG  A "O4'"  1 
ATOM   36  C "C3'"  . DG  A 1 2  ? 8.516   -10.627 -3.386  1.00 0.32 ? 2  DG  A "C3'"  1 
ATOM   37  O "O3'"  . DG  A 1 2  ? 9.474   -9.928  -2.567  1.00 0.35 ? 2  DG  A "O3'"  1 
ATOM   38  C "C2'"  . DG  A 1 2  ? 7.665   -9.661  -4.113  1.00 0.28 ? 2  DG  A "C2'"  1 
ATOM   39  C "C1'"  . DG  A 1 2  ? 8.451   -9.334  -5.327  1.00 0.25 ? 2  DG  A "C1'"  1 
ATOM   40  N N9     . DG  A 1 2  ? 7.518   -9.008  -6.400  1.00 0.23 ? 2  DG  A N9     1 
ATOM   41  C C8     . DG  A 1 2  ? 6.607   -9.871  -6.908  1.00 0.25 ? 2  DG  A C8     1 
ATOM   42  N N7     . DG  A 1 2  ? 5.871   -9.366  -7.865  1.00 0.26 ? 2  DG  A N7     1 
ATOM   43  C C5     . DG  A 1 2  ? 6.347   -8.064  -7.986  1.00 0.24 ? 2  DG  A C5     1 
ATOM   44  C C6     . DG  A 1 2  ? 5.931   -7.035  -8.864  1.00 0.25 ? 2  DG  A C6     1 
ATOM   45  O O6     . DG  A 1 2  ? 5.039   -7.083  -9.714  1.00 0.30 ? 2  DG  A O6     1 
ATOM   46  N N1     . DG  A 1 2  ? 6.666   -5.867  -8.667  1.00 0.24 ? 2  DG  A N1     1 
ATOM   47  C C2     . DG  A 1 2  ? 7.686   -5.704  -7.734  1.00 0.22 ? 2  DG  A C2     1 
ATOM   48  N N2     . DG  A 1 2  ? 8.295   -4.509  -7.660  1.00 0.23 ? 2  DG  A N2     1 
ATOM   49  N N3     . DG  A 1 2  ? 8.072   -6.688  -6.906  1.00 0.21 ? 2  DG  A N3     1 
ATOM   50  C C4     . DG  A 1 2  ? 7.362   -7.831  -7.090  1.00 0.22 ? 2  DG  A C4     1 
ATOM   51  H "H5'"  . DG  A 1 2  ? 9.274   -13.284 -5.487  1.00 0.39 ? 2  DG  A "H5'"  1 
ATOM   52  H "H5''" . DG  A 1 2  ? 8.847   -13.406 -3.775  1.00 0.40 ? 2  DG  A "H5''" 1 
ATOM   53  H "H4'"  . DG  A 1 2  ? 10.053  -11.057 -4.212  1.00 0.36 ? 2  DG  A "H4'"  1 
ATOM   54  H "H3'"  . DG  A 1 2  ? 7.825   -11.415 -3.059  1.00 0.36 ? 2  DG  A "H3'"  1 
ATOM   55  H "H2'"  . DG  A 1 2  ? 6.647   -9.872  -4.255  1.00 0.32 ? 2  DG  A "H2'"  1 
ATOM   56  H "H2''" . DG  A 1 2  ? 7.811   -8.781  -3.516  1.00 0.30 ? 2  DG  A "H2''" 1 
ATOM   57  H "H1'"  . DG  A 1 2  ? 9.143   -8.556  -5.102  1.00 0.25 ? 2  DG  A "H1'"  1 
ATOM   58  H H8     . DG  A 1 2  ? 6.625   -10.860 -6.415  1.00 0.28 ? 2  DG  A H8     1 
ATOM   59  H H1     . DG  A 1 2  ? 6.391   -5.101  -9.274  1.00 0.28 ? 2  DG  A H1     1 
ATOM   60  H H21    . DG  A 1 2  ? 8.026   -3.762  -8.294  1.00 0.25 ? 2  DG  A H21    1 
ATOM   61  H H22    . DG  A 1 2  ? 9.018   -4.352  -6.970  1.00 0.29 ? 2  DG  A H22    1 
ATOM   62  P P      . DA  A 1 3  ? 9.018   -9.048  -1.301  1.00 0.37 ? 3  DA  A P      1 
ATOM   63  O OP1    . DA  A 1 3  ? 10.118  -9.047  -0.313  1.00 0.47 ? 3  DA  A OP1    1 
ATOM   64  O OP2    . DA  A 1 3  ? 7.665   -9.492  -0.899  1.00 0.41 ? 3  DA  A OP2    1 
ATOM   65  O "O5'"  . DA  A 1 3  ? 8.893   -7.568  -1.894  1.00 0.32 ? 3  DA  A "O5'"  1 
ATOM   66  C "C5'"  . DA  A 1 3  ? 10.088  -6.790  -1.926  1.00 0.31 ? 3  DA  A "C5'"  1 
ATOM   67  C "C4'"  . DA  A 1 3  ? 9.779   -5.300  -1.866  1.00 0.25 ? 3  DA  A "C4'"  1 
ATOM   68  O "O4'"  . DA  A 1 3  ? 9.073   -4.878  -3.035  1.00 0.27 ? 3  DA  A "O4'"  1 
ATOM   69  C "C3'"  . DA  A 1 3  ? 9.006   -4.814  -0.678  1.00 0.24 ? 3  DA  A "C3'"  1 
ATOM   70  O "O3'"  . DA  A 1 3  ? 9.144   -3.415  -0.324  1.00 0.24 ? 3  DA  A "O3'"  1 
ATOM   71  C "C2'"  . DA  A 1 3  ? 7.652   -4.963  -1.234  1.00 0.23 ? 3  DA  A "C2'"  1 
ATOM   72  C "C1'"  . DA  A 1 3  ? 7.709   -4.618  -2.691  1.00 0.20 ? 3  DA  A "C1'"  1 
ATOM   73  N N9     . DA  A 1 3  ? 6.785   -5.422  -3.496  1.00 0.19 ? 3  DA  A N9     1 
ATOM   74  C C8     . DA  A 1 3  ? 6.288   -6.678  -3.269  1.00 0.21 ? 3  DA  A C8     1 
ATOM   75  N N7     . DA  A 1 3  ? 5.435   -7.081  -4.181  1.00 0.21 ? 3  DA  A N7     1 
ATOM   76  C C5     . DA  A 1 3  ? 5.376   -6.013  -5.065  1.00 0.19 ? 3  DA  A C5     1 
ATOM   77  C C6     . DA  A 1 3  ? 4.656   -5.806  -6.244  1.00 0.20 ? 3  DA  A C6     1 
ATOM   78  N N6     . DA  A 1 3  ? 3.817   -6.724  -6.735  1.00 0.23 ? 3  DA  A N6     1 
ATOM   79  N N1     . DA  A 1 3  ? 4.840   -4.628  -6.871  1.00 0.19 ? 3  DA  A N1     1 
ATOM   80  C C2     . DA  A 1 3  ? 5.681   -3.729  -6.351  1.00 0.18 ? 3  DA  A C2     1 
ATOM   81  N N3     . DA  A 1 3  ? 6.399   -3.817  -5.255  1.00 0.18 ? 3  DA  A N3     1 
ATOM   82  C C4     . DA  A 1 3  ? 6.197   -5.002  -4.652  1.00 0.18 ? 3  DA  A C4     1 
ATOM   83  H "H5'"  . DA  A 1 3  ? 10.635  -7.023  -2.838  1.00 0.36 ? 3  DA  A "H5'"  1 
ATOM   84  H "H5''" . DA  A 1 3  ? 10.692  -7.078  -1.065  1.00 0.36 ? 3  DA  A "H5''" 1 
ATOM   85  H "H4'"  . DA  A 1 3  ? 10.575  -4.577  -1.807  1.00 0.30 ? 3  DA  A "H4'"  1 
ATOM   86  H "H3'"  . DA  A 1 3  ? 8.962   -5.631  0.074   1.00 0.28 ? 3  DA  A "H3'"  1 
ATOM   87  H "H2'"  . DA  A 1 3  ? 7.033   -5.739  -0.891  1.00 0.29 ? 3  DA  A "H2'"  1 
ATOM   88  H "H2''" . DA  A 1 3  ? 7.378   -4.027  -0.807  1.00 0.25 ? 3  DA  A "H2''" 1 
ATOM   89  H "H1'"  . DA  A 1 3  ? 7.312   -3.618  -2.871  1.00 0.21 ? 3  DA  A "H1'"  1 
ATOM   90  H H8     . DA  A 1 3  ? 6.631   -7.260  -2.399  1.00 0.23 ? 3  DA  A H8     1 
ATOM   91  H H61    . DA  A 1 3  ? 3.215   -6.522  -7.523  1.00 0.29 ? 3  DA  A H61    1 
ATOM   92  H H62    . DA  A 1 3  ? 3.792   -7.640  -6.305  1.00 0.30 ? 3  DA  A H62    1 
ATOM   93  H H2     . DA  A 1 3  ? 5.867   -2.785  -6.842  1.00 0.19 ? 3  DA  A H2     1 
ATOM   94  P P      . DA  A 1 4  ? 8.459   -2.846  1.027   1.00 0.25 ? 4  DA  A P      1 
ATOM   95  O OP1    . DA  A 1 4  ? 9.105   -3.556  2.153   1.00 0.36 ? 4  DA  A OP1    1 
ATOM   96  O OP2    . DA  A 1 4  ? 6.987   -2.933  0.887   1.00 0.33 ? 4  DA  A OP2    1 
ATOM   97  O "O5'"  . DA  A 1 4  ? 8.869   -1.293  1.158   1.00 0.27 ? 4  DA  A "O5'"  1 
ATOM   98  C "C5'"  . DA  A 1 4  ? 8.852   -0.320  0.106   1.00 0.25 ? 4  DA  A "C5'"  1 
ATOM   99  C "C4'"  . DA  A 1 4  ? 7.475   -0.061  -0.503  1.00 0.22 ? 4  DA  A "C4'"  1 
ATOM   100 O "O4'"  . DA  A 1 4  ? 7.016   -1.189  -1.220  1.00 0.22 ? 4  DA  A "O4'"  1 
ATOM   101 C "C3'"  . DA  A 1 4  ? 6.286   0.409   0.342   1.00 0.19 ? 4  DA  A "C3'"  1 
ATOM   102 O "O3'"  . DA  A 1 4  ? 5.819   1.773   0.364   1.00 0.23 ? 4  DA  A "O3'"  1 
ATOM   103 C "C2'"  . DA  A 1 4  ? 5.247   -0.512  -0.231  1.00 0.18 ? 4  DA  A "C2'"  1 
ATOM   104 C "C1'"  . DA  A 1 4  ? 5.696   -0.792  -1.601  1.00 0.19 ? 4  DA  A "C1'"  1 
ATOM   105 N N9     . DA  A 1 4  ? 4.994   -1.988  -2.036  1.00 0.20 ? 4  DA  A N9     1 
ATOM   106 C C8     . DA  A 1 4  ? 4.876   -3.131  -1.320  1.00 0.20 ? 4  DA  A C8     1 
ATOM   107 N N7     . DA  A 1 4  ? 4.186   -4.068  -1.916  1.00 0.21 ? 4  DA  A N7     1 
ATOM   108 C C5     . DA  A 1 4  ? 3.832   -3.470  -3.116  1.00 0.21 ? 4  DA  A C5     1 
ATOM   109 C C6     . DA  A 1 4  ? 3.098   -3.932  -4.193  1.00 0.23 ? 4  DA  A C6     1 
ATOM   110 N N6     . DA  A 1 4  ? 2.579   -5.163  -4.195  1.00 0.25 ? 4  DA  A N6     1 
ATOM   111 N N1     . DA  A 1 4  ? 2.933   -3.087  -5.222  1.00 0.22 ? 4  DA  A N1     1 
ATOM   112 C C2     . DA  A 1 4  ? 3.457   -1.861  -5.190  1.00 0.22 ? 4  DA  A C2     1 
ATOM   113 N N3     . DA  A 1 4  ? 4.175   -1.323  -4.220  1.00 0.21 ? 4  DA  A N3     1 
ATOM   114 C C4     . DA  A 1 4  ? 4.322   -2.197  -3.201  1.00 0.20 ? 4  DA  A C4     1 
ATOM   115 H "H5'"  . DA  A 1 4  ? 9.520   -0.667  -0.682  1.00 0.31 ? 4  DA  A "H5'"  1 
ATOM   116 H "H5''" . DA  A 1 4  ? 9.233   0.617   0.511   1.00 0.31 ? 4  DA  A "H5''" 1 
ATOM   117 H "H4'"  . DA  A 1 4  ? 7.411   0.651   -1.346  1.00 0.23 ? 4  DA  A "H4'"  1 
ATOM   118 H "H3'"  . DA  A 1 4  ? 6.297   -0.151  1.317   1.00 0.21 ? 4  DA  A "H3'"  1 
ATOM   119 H "H2'"  . DA  A 1 4  ? 4.891   -1.407  0.199   1.00 0.22 ? 4  DA  A "H2'"  1 
ATOM   120 H "H2''" . DA  A 1 4  ? 4.434   0.146   -0.495  1.00 0.21 ? 4  DA  A "H2''" 1 
ATOM   121 H "H1'"  . DA  A 1 4  ? 5.598   -0.010  -2.293  1.00 0.25 ? 4  DA  A "H1'"  1 
ATOM   122 H H8     . DA  A 1 4  ? 5.390   -3.053  -0.344  1.00 0.20 ? 4  DA  A H8     1 
ATOM   123 H H61    . DA  A 1 4  ? 1.994   -5.520  -4.942  1.00 0.33 ? 4  DA  A H61    1 
ATOM   124 H H62    . DA  A 1 4  ? 2.785   -5.762  -3.408  1.00 0.34 ? 4  DA  A H62    1 
ATOM   125 H H2     . DA  A 1 4  ? 3.256   -1.200  -6.044  1.00 0.24 ? 4  DA  A H2     1 
ATOM   126 P P      . DA  A 1 5  ? 6.789   3.052   0.148   1.00 0.25 ? 5  DA  A P      1 
ATOM   127 O OP1    . DA  A 1 5  ? 8.169   2.693   0.534   1.00 0.30 ? 5  DA  A OP1    1 
ATOM   128 O OP2    . DA  A 1 5  ? 6.124   4.227   0.753   1.00 0.33 ? 5  DA  A OP2    1 
ATOM   129 O "O5'"  . DA  A 1 5  ? 6.709   3.200   -1.440  1.00 0.32 ? 5  DA  A "O5'"  1 
ATOM   130 C "C5'"  . DA  A 1 5  ? 7.435   4.232   -2.100  1.00 0.39 ? 5  DA  A "C5'"  1 
ATOM   131 C "C4'"  . DA  A 1 5  ? 6.518   5.248   -2.784  1.00 0.38 ? 5  DA  A "C4'"  1 
ATOM   132 O "O4'"  . DA  A 1 5  ? 5.679   4.608   -3.738  1.00 0.36 ? 5  DA  A "O4'"  1 
ATOM   133 C "C3'"  . DA  A 1 5  ? 5.614   6.152   -1.995  1.00 0.36 ? 5  DA  A "C3'"  1 
ATOM   134 O "O3'"  . DA  A 1 5  ? 5.251   7.373   -2.671  1.00 0.43 ? 5  DA  A "O3'"  1 
ATOM   135 C "C2'"  . DA  A 1 5  ? 4.401   5.301   -1.940  1.00 0.29 ? 5  DA  A "C2'"  1 
ATOM   136 C "C1'"  . DA  A 1 5  ? 4.313   4.714   -3.321  1.00 0.30 ? 5  DA  A "C1'"  1 
ATOM   137 N N9     . DA  A 1 5  ? 3.770   3.353   -3.263  1.00 0.26 ? 5  DA  A N9     1 
ATOM   138 C C8     . DA  A 1 5  ? 4.168   2.405   -2.390  1.00 0.25 ? 5  DA  A C8     1 
ATOM   139 N N7     . DA  A 1 5  ? 3.538   1.262   -2.496  1.00 0.22 ? 5  DA  A N7     1 
ATOM   140 C C5     . DA  A 1 5  ? 2.651   1.495   -3.540  1.00 0.22 ? 5  DA  A C5     1 
ATOM   141 C C6     . DA  A 1 5  ? 1.693   0.683   -4.152  1.00 0.22 ? 5  DA  A C6     1 
ATOM   142 N N6     . DA  A 1 5  ? 1.457   -0.576  -3.788  1.00 0.23 ? 5  DA  A N6     1 
ATOM   143 N N1     . DA  A 1 5  ? 0.989   1.218   -5.152  1.00 0.24 ? 5  DA  A N1     1 
ATOM   144 C C2     . DA  A 1 5  ? 1.211   2.467   -5.526  1.00 0.26 ? 5  DA  A C2     1 
ATOM   145 N N3     . DA  A 1 5  ? 2.081   3.339   -5.031  1.00 0.27 ? 5  DA  A N3     1 
ATOM   146 C C4     . DA  A 1 5  ? 2.782   2.773   -4.021  1.00 0.24 ? 5  DA  A C4     1 
ATOM   147 H "H5'"  . DA  A 1 5  ? 8.060   3.757   -2.855  1.00 0.46 ? 5  DA  A "H5'"  1 
ATOM   148 H "H5''" . DA  A 1 5  ? 8.072   4.736   -1.374  1.00 0.45 ? 5  DA  A "H5''" 1 
ATOM   149 H "H4'"  . DA  A 1 5  ? 6.974   5.954   -3.446  1.00 0.45 ? 5  DA  A "H4'"  1 
ATOM   150 H "H3'"  . DA  A 1 5  ? 6.001   6.144   -0.962  1.00 0.35 ? 5  DA  A "H3'"  1 
ATOM   151 H "H2'"  . DA  A 1 5  ? 4.410   4.615   -1.109  1.00 0.29 ? 5  DA  A "H2'"  1 
ATOM   152 H "H2''" . DA  A 1 5  ? 3.617   6.052   -2.010  1.00 0.32 ? 5  DA  A "H2''" 1 
ATOM   153 H "H1'"  . DA  A 1 5  ? 3.648   5.403   -3.812  1.00 0.33 ? 5  DA  A "H1'"  1 
ATOM   154 H H8     . DA  A 1 5  ? 4.981   2.784   -1.747  1.00 0.28 ? 5  DA  A H8     1 
ATOM   155 H H61    . DA  A 1 5  ? 0.764   -1.102  -4.300  1.00 0.29 ? 5  DA  A H61    1 
ATOM   156 H H62    . DA  A 1 5  ? 1.969   -0.985  -3.017  1.00 0.26 ? 5  DA  A H62    1 
ATOM   157 H H2     . DA  A 1 5  ? 0.586   2.784   -6.353  1.00 0.30 ? 5  DA  A H2     1 
ATOM   158 P P      . DC  A 1 6  ? 4.296   8.496   -2.012  1.00 0.46 ? 6  DC  A P      1 
ATOM   159 O OP1    . DC  A 1 6  ? 4.356   9.713   -2.852  1.00 0.58 ? 6  DC  A OP1    1 
ATOM   160 O OP2    . DC  A 1 6  ? 4.623   8.573   -0.570  1.00 0.48 ? 6  DC  A OP2    1 
ATOM   161 O "O5'"  . DC  A 1 6  ? 2.826   7.861   -2.155  1.00 0.41 ? 6  DC  A "O5'"  1 
ATOM   162 C "C5'"  . DC  A 1 6  ? 2.335   7.657   -3.479  1.00 0.40 ? 6  DC  A "C5'"  1 
ATOM   163 C "C4'"  . DC  A 1 6  ? 1.159   6.685   -3.486  1.00 0.34 ? 6  DC  A "C4'"  1 
ATOM   164 O "O4'"  . DC  A 1 6  ? 1.506   5.487   -2.821  1.00 0.31 ? 6  DC  A "O4'"  1 
ATOM   165 C "C3'"  . DC  A 1 6  ? -0.147  7.099   -2.900  1.00 0.34 ? 6  DC  A "C3'"  1 
ATOM   166 O "O3'"  . DC  A 1 6  ? -1.244  7.049   -3.815  1.00 0.38 ? 6  DC  A "O3'"  1 
ATOM   167 C "C2'"  . DC  A 1 6  ? -0.283  6.099   -1.803  1.00 0.29 ? 6  DC  A "C2'"  1 
ATOM   168 C "C1'"  . DC  A 1 6  ? 0.307   4.856   -2.370  1.00 0.26 ? 6  DC  A "C1'"  1 
ATOM   169 N N1     . DC  A 1 6  ? 0.847   3.910   -1.376  1.00 0.23 ? 6  DC  A N1     1 
ATOM   170 C C2     . DC  A 1 6  ? 0.580   2.560   -1.446  1.00 0.21 ? 6  DC  A C2     1 
ATOM   171 O O2     . DC  A 1 6  ? -0.157  2.096   -2.312  1.00 0.23 ? 6  DC  A O2     1 
ATOM   172 N N3     . DC  A 1 6  ? 1.159   1.758   -0.510  1.00 0.20 ? 6  DC  A N3     1 
ATOM   173 C C4     . DC  A 1 6  ? 1.968   2.197   0.477   1.00 0.20 ? 6  DC  A C4     1 
ATOM   174 N N4     . DC  A 1 6  ? 2.854   1.353   1.117   1.00 0.20 ? 6  DC  A N4     1 
ATOM   175 C C5     . DC  A 1 6  ? 2.214   3.620   0.527   1.00 0.23 ? 6  DC  A C5     1 
ATOM   176 C C6     . DC  A 1 6  ? 1.644   4.411   -0.408  1.00 0.24 ? 6  DC  A C6     1 
ATOM   177 H "H5'"  . DC  A 1 6  ? 3.162   7.277   -4.075  1.00 0.43 ? 6  DC  A "H5'"  1 
ATOM   178 H "H5''" . DC  A 1 6  ? 2.030   8.612   -3.907  1.00 0.43 ? 6  DC  A "H5''" 1 
ATOM   179 H "H4'"  . DC  A 1 6  ? 0.779   6.161   -4.353  1.00 0.36 ? 6  DC  A "H4'"  1 
ATOM   180 H "H3'"  . DC  A 1 6  ? 0.045   7.968   -2.245  1.00 0.36 ? 6  DC  A "H3'"  1 
ATOM   181 H "H2'"  . DC  A 1 6  ? 0.073   6.428   -0.863  1.00 0.30 ? 6  DC  A "H2'"  1 
ATOM   182 H "H2''" . DC  A 1 6  ? -1.332  5.888   -1.837  1.00 0.30 ? 6  DC  A "H2''" 1 
ATOM   183 H "H1'"  . DC  A 1 6  ? -0.348  4.453   -3.114  1.00 0.29 ? 6  DC  A "H1'"  1 
ATOM   184 H H41    . DC  A 1 6  ? 3.842   1.518   0.980   1.00 0.24 ? 6  DC  A H41    1 
ATOM   185 H H5     . DC  A 1 6  ? 2.817   4.068   1.328   1.00 0.28 ? 6  DC  A H5     1 
ATOM   186 H H6     . DC  A 1 6  ? 1.784   5.494   -0.477  1.00 0.28 ? 6  DC  A H6     1 
ATOM   187 P P      . DT  A 1 7  ? -2.441  8.096   -3.652  1.00 0.36 ? 7  DT  A P      1 
ATOM   188 O OP1    . DT  A 1 7  ? -2.751  8.677   -4.977  1.00 0.47 ? 7  DT  A OP1    1 
ATOM   189 O OP2    . DT  A 1 7  ? -2.127  8.975   -2.505  1.00 0.46 ? 7  DT  A OP2    1 
ATOM   190 O "O5'"  . DT  A 1 7  ? -3.642  7.137   -3.232  1.00 0.35 ? 7  DT  A "O5'"  1 
ATOM   191 C "C5'"  . DT  A 1 7  ? -4.195  6.331   -4.267  1.00 0.33 ? 7  DT  A "C5'"  1 
ATOM   192 C "C4'"  . DT  A 1 7  ? -4.885  5.133   -3.666  1.00 0.28 ? 7  DT  A "C4'"  1 
ATOM   193 O "O4'"  . DT  A 1 7  ? -3.911  4.377   -2.937  1.00 0.26 ? 7  DT  A "O4'"  1 
ATOM   194 C "C3'"  . DT  A 1 7  ? -5.986  5.453   -2.690  1.00 0.26 ? 7  DT  A "C3'"  1 
ATOM   195 O "O3'"  . DT  A 1 7  ? -7.211  4.724   -2.698  1.00 0.30 ? 7  DT  A "O3'"  1 
ATOM   196 C "C2'"  . DT  A 1 7  ? -5.286  5.131   -1.427  1.00 0.23 ? 7  DT  A "C2'"  1 
ATOM   197 C "C1'"  . DT  A 1 7  ? -4.526  3.889   -1.744  1.00 0.23 ? 7  DT  A "C1'"  1 
ATOM   198 N N1     . DT  A 1 7  ? -3.488  3.560   -0.736  1.00 0.21 ? 7  DT  A N1     1 
ATOM   199 C C2     . DT  A 1 7  ? -3.191  2.223   -0.458  1.00 0.22 ? 7  DT  A C2     1 
ATOM   200 O O2     . DT  A 1 7  ? -3.778  1.292   -1.003  1.00 0.26 ? 7  DT  A O2     1 
ATOM   201 N N3     . DT  A 1 7  ? -2.193  2.006   0.498   1.00 0.24 ? 7  DT  A N3     1 
ATOM   202 C C4     . DT  A 1 7  ? -1.496  3.000   1.176   1.00 0.25 ? 7  DT  A C4     1 
ATOM   203 O O4     . DT  A 1 7  ? -0.639  2.732   2.018   1.00 0.28 ? 7  DT  A O4     1 
ATOM   204 C C5     . DT  A 1 7  ? -1.886  4.341   0.809   1.00 0.24 ? 7  DT  A C5     1 
ATOM   205 C C7     . DT  A 1 7  ? -1.216  5.527   1.469   1.00 0.27 ? 7  DT  A C7     1 
ATOM   206 C C6     . DT  A 1 7  ? -2.837  4.578   -0.105  1.00 0.22 ? 7  DT  A C6     1 
ATOM   207 H "H5'"  . DT  A 1 7  ? -3.390  6.012   -4.929  1.00 0.39 ? 7  DT  A "H5'"  1 
ATOM   208 H "H5''" . DT  A 1 7  ? -4.908  6.932   -4.830  1.00 0.38 ? 7  DT  A "H5''" 1 
ATOM   209 H "H4'"  . DT  A 1 7  ? -5.389  4.460   -4.341  1.00 0.34 ? 7  DT  A "H4'"  1 
ATOM   210 H "H3'"  . DT  A 1 7  ? -6.059  6.525   -2.535  1.00 0.29 ? 7  DT  A "H3'"  1 
ATOM   211 H "H2'"  . DT  A 1 7  ? -4.773  5.981   -1.059  1.00 0.28 ? 7  DT  A "H2'"  1 
ATOM   212 H "H2''" . DT  A 1 7  ? -6.064  4.787   -0.800  1.00 0.27 ? 7  DT  A "H2''" 1 
ATOM   213 H "H1'"  . DT  A 1 7  ? -5.302  3.145   -1.838  1.00 0.27 ? 7  DT  A "H1'"  1 
ATOM   214 H H3     . DT  A 1 7  ? -1.960  1.038   0.701   1.00 0.25 ? 7  DT  A H3     1 
ATOM   215 H H71    . DT  A 1 7  ? -1.007  6.259   0.692   1.00 0.37 ? 7  DT  A H71    1 
ATOM   216 H H72    . DT  A 1 7  ? -1.911  5.990   2.164   1.00 0.30 ? 7  DT  A H72    1 
ATOM   217 H H73    . DT  A 1 7  ? -0.293  5.213   1.944   1.00 0.44 ? 7  DT  A H73    1 
ATOM   218 H H6     . DT  A 1 7  ? -3.105  5.617   -0.358  1.00 0.23 ? 7  DT  A H6     1 
ATOM   219 P P      . DT  A 1 8  ? -8.465  5.451   -2.001  1.00 0.34 ? 8  DT  A P      1 
ATOM   220 O OP1    . DT  A 1 8  ? -8.975  6.463   -2.954  1.00 0.41 ? 8  DT  A OP1    1 
ATOM   221 O OP2    . DT  A 1 8  ? -8.078  5.872   -0.633  1.00 0.34 ? 8  DT  A OP2    1 
ATOM   222 O "O5'"  . DT  A 1 8  ? -9.555  4.293   -1.894  1.00 0.40 ? 8  DT  A "O5'"  1 
ATOM   223 C "C5'"  . DT  A 1 8  ? -9.145  2.940   -1.749  1.00 0.36 ? 8  DT  A "C5'"  1 
ATOM   224 C "C4'"  . DT  A 1 8  ? -8.643  2.609   -0.353  1.00 0.29 ? 8  DT  A "C4'"  1 
ATOM   225 O "O4'"  . DT  A 1 8  ? -7.423  3.228   0.021   1.00 0.23 ? 8  DT  A "O4'"  1 
ATOM   226 C "C3'"  . DT  A 1 8  ? -9.544  2.859   0.839   1.00 0.29 ? 8  DT  A "C3'"  1 
ATOM   227 O "O3'"  . DT  A 1 8  ? -10.172 1.772   1.512   1.00 0.34 ? 8  DT  A "O3'"  1 
ATOM   228 C "C2'"  . DT  A 1 8  ? -8.636  3.552   1.778   1.00 0.24 ? 8  DT  A "C2'"  1 
ATOM   229 C "C1'"  . DT  A 1 8  ? -7.325  2.992   1.436   1.00 0.21 ? 8  DT  A "C1'"  1 
ATOM   230 N N1     . DT  A 1 8  ? -6.307  3.862   2.000   1.00 0.19 ? 8  DT  A N1     1 
ATOM   231 C C2     . DT  A 1 8  ? -5.365  3.336   2.852   1.00 0.20 ? 8  DT  A C2     1 
ATOM   232 O O2     . DT  A 1 8  ? -5.324  2.151   3.166   1.00 0.23 ? 8  DT  A O2     1 
ATOM   233 N N3     . DT  A 1 8  ? -4.450  4.236   3.349   1.00 0.22 ? 8  DT  A N3     1 
ATOM   234 C C4     . DT  A 1 8  ? -4.394  5.587   3.073   1.00 0.23 ? 8  DT  A C4     1 
ATOM   235 O O4     . DT  A 1 8  ? -3.529  6.302   3.577   1.00 0.26 ? 8  DT  A O4     1 
ATOM   236 C C5     . DT  A 1 8  ? -5.424  6.027   2.172   1.00 0.22 ? 8  DT  A C5     1 
ATOM   237 C C7     . DT  A 1 8  ? -5.468  7.469   1.797   1.00 0.26 ? 8  DT  A C7     1 
ATOM   238 C C6     . DT  A 1 8  ? -6.333  5.172   1.672   1.00 0.21 ? 8  DT  A C6     1 
ATOM   239 H "H5'"  . DT  A 1 8  ? -8.345  2.746   -2.464  1.00 0.40 ? 8  DT  A "H5'"  1 
ATOM   240 H "H5''" . DT  A 1 8  ? -9.996  2.302   -1.977  1.00 0.43 ? 8  DT  A "H5''" 1 
ATOM   241 H "H4'"  . DT  A 1 8  ? -8.386  1.557   -0.287  1.00 0.32 ? 8  DT  A "H4'"  1 
ATOM   242 H "H3'"  . DT  A 1 8  ? -9.953  3.886   0.761   1.00 0.33 ? 8  DT  A "H3'"  1 
ATOM   243 H "H2'"  . DT  A 1 8  ? -8.745  4.588   1.842   1.00 0.27 ? 8  DT  A "H2'"  1 
ATOM   244 H "H2''" . DT  A 1 8  ? -8.826  3.163   2.763   1.00 0.28 ? 8  DT  A "H2''" 1 
ATOM   245 H "H1'"  . DT  A 1 8  ? -7.240  2.012   1.834   1.00 0.25 ? 8  DT  A "H1'"  1 
ATOM   246 H H3     . DT  A 1 8  ? -3.768  3.839   3.978   1.00 0.23 ? 8  DT  A H3     1 
ATOM   247 H H71    . DT  A 1 8  ? -5.341  7.511   0.719   1.00 0.44 ? 8  DT  A H71    1 
ATOM   248 H H72    . DT  A 1 8  ? -6.435  7.843   2.127   1.00 0.35 ? 8  DT  A H72    1 
ATOM   249 H H73    . DT  A 1 8  ? -4.640  7.931   2.333   1.00 0.42 ? 8  DT  A H73    1 
ATOM   250 H H6     . DT  A 1 8  ? -7.164  5.410   0.976   1.00 0.22 ? 8  DT  A H6     1 
ATOM   251 P P      . DT  A 1 9  ? -11.270 2.078   2.636   1.00 0.33 ? 9  DT  A P      1 
ATOM   252 O OP1    . DT  A 1 9  ? -12.514 2.498   1.955   1.00 0.49 ? 9  DT  A OP1    1 
ATOM   253 O OP2    . DT  A 1 9  ? -10.680 2.940   3.690   1.00 0.33 ? 9  DT  A OP2    1 
ATOM   254 O "O5'"  . DT  A 1 9  ? -11.492 0.618   3.223   1.00 0.47 ? 9  DT  A "O5'"  1 
ATOM   255 C "C5'"  . DT  A 1 9  ? -10.407 -0.302  3.234   1.00 0.48 ? 9  DT  A "C5'"  1 
ATOM   256 C "C4'"  . DT  A 1 9  ? -9.451  -0.063  4.386   1.00 0.40 ? 9  DT  A "C4'"  1 
ATOM   257 O "O4'"  . DT  A 1 9  ? -8.611  1.087   4.324   1.00 0.34 ? 9  DT  A "O4'"  1 
ATOM   258 C "C3'"  . DT  A 1 9  ? -10.148 0.121   5.728   1.00 0.37 ? 9  DT  A "C3'"  1 
ATOM   259 O "O3'"  . DT  A 1 9  ? -10.058 -0.908  6.730   1.00 0.35 ? 9  DT  A "O3'"  1 
ATOM   260 C "C2'"  . DT  A 1 9  ? -9.534  1.364   6.257   1.00 0.28 ? 9  DT  A "C2'"  1 
ATOM   261 C "C1'"  . DT  A 1 9  ? -8.176  1.321   5.689   1.00 0.26 ? 9  DT  A "C1'"  1 
ATOM   262 N N1     . DT  A 1 9  ? -7.511  2.613   5.759   1.00 0.22 ? 9  DT  A N1     1 
ATOM   263 C C2     . DT  A 1 9  ? -6.272  2.710   6.378   1.00 0.20 ? 9  DT  A C2     1 
ATOM   264 O O2     . DT  A 1 9  ? -5.698  1.749   6.888   1.00 0.22 ? 9  DT  A O2     1 
ATOM   265 N N3     . DT  A 1 9  ? -5.710  3.976   6.394   1.00 0.19 ? 9  DT  A N3     1 
ATOM   266 C C4     . DT  A 1 9  ? -6.273  5.121   5.854   1.00 0.20 ? 9  DT  A C4     1 
ATOM   267 O O4     . DT  A 1 9  ? -5.680  6.199   5.932   1.00 0.22 ? 9  DT  A O4     1 
ATOM   268 C C5     . DT  A 1 9  ? -7.566  4.900   5.232   1.00 0.21 ? 9  DT  A C5     1 
ATOM   269 C C7     . DT  A 1 9  ? -8.287  6.061   4.594   1.00 0.24 ? 9  DT  A C7     1 
ATOM   270 C C6     . DT  A 1 9  ? -8.137  3.675   5.205   1.00 0.23 ? 9  DT  A C6     1 
ATOM   271 H "H5'"  . DT  A 1 9  ? -9.869  -0.255  2.288   1.00 0.52 ? 9  DT  A "H5'"  1 
ATOM   272 H "H5''" . DT  A 1 9  ? -10.844 -1.292  3.356   1.00 0.58 ? 9  DT  A "H5''" 1 
ATOM   273 H "H4'"  . DT  A 1 9  ? -8.729  -0.901  4.373   1.00 0.45 ? 9  DT  A "H4'"  1 
ATOM   274 H "H3'"  . DT  A 1 9  ? -10.959 0.875   5.618   1.00 0.41 ? 9  DT  A "H3'"  1 
ATOM   275 H "H2'"  . DT  A 1 9  ? -10.065 2.287   6.436   1.00 0.31 ? 9  DT  A "H2'"  1 
ATOM   276 H "H2''" . DT  A 1 9  ? -9.388  0.930   7.216   1.00 0.27 ? 9  DT  A "H2''" 1 
ATOM   277 H "H1'"  . DT  A 1 9  ? -7.618  0.670   6.336   1.00 0.25 ? 9  DT  A "H1'"  1 
ATOM   278 H H3     . DT  A 1 9  ? -4.808  4.060   6.853   1.00 0.21 ? 9  DT  A H3     1 
ATOM   279 H H71    . DT  A 1 9  ? -7.676  6.954   4.714   1.00 0.63 ? 9  DT  A H71    1 
ATOM   280 H H72    . DT  A 1 9  ? -8.417  5.830   3.539   1.00 0.58 ? 9  DT  A H72    1 
ATOM   281 H H73    . DT  A 1 9  ? -9.258  6.169   5.072   1.00 0.53 ? 9  DT  A H73    1 
ATOM   282 H H6     . DT  A 1 9  ? -9.135  3.401   4.772   1.00 0.27 ? 9  DT  A H6     1 
ATOM   283 P P      . DC  A 1 10 ? -11.006 -0.854  8.028   1.00 0.33 ? 10 DC  A P      1 
ATOM   284 O OP1    . DC  A 1 10 ? -12.381 -1.162  7.579   1.00 0.42 ? 10 DC  A OP1    1 
ATOM   285 O OP2    . DC  A 1 10 ? -10.749 0.413   8.753   1.00 0.33 ? 10 DC  A OP2    1 
ATOM   286 O "O5'"  . DC  A 1 10 ? -10.509 -2.083  8.929   1.00 0.33 ? 10 DC  A "O5'"  1 
ATOM   287 C "C5'"  . DC  A 1 10 ? -9.139  -2.437  9.120   1.00 0.30 ? 10 DC  A "C5'"  1 
ATOM   288 C "C4'"  . DC  A 1 10 ? -8.347  -1.419  9.933   1.00 0.26 ? 10 DC  A "C4'"  1 
ATOM   289 O "O4'"  . DC  A 1 10 ? -8.036  -0.204  9.245   1.00 0.23 ? 10 DC  A "O4'"  1 
ATOM   290 C "C3'"  . DC  A 1 10 ? -8.897  -0.977  11.262  1.00 0.28 ? 10 DC  A "C3'"  1 
ATOM   291 O "O3'"  . DC  A 1 10 ? -8.374  -1.399  12.532  1.00 0.37 ? 10 DC  A "O3'"  1 
ATOM   292 C "C2'"  . DC  A 1 10 ? -8.811  0.482   11.080  1.00 0.25 ? 10 DC  A "C2'"  1 
ATOM   293 C "C1'"  . DC  A 1 10 ? -7.590  0.681   10.289  1.00 0.20 ? 10 DC  A "C1'"  1 
ATOM   294 N N1     . DC  A 1 10 ? -7.527  2.084   9.826   1.00 0.19 ? 10 DC  A N1     1 
ATOM   295 C C2     . DC  A 1 10 ? -6.365  2.827   9.973   1.00 0.21 ? 10 DC  A C2     1 
ATOM   296 O O2     . DC  A 1 10 ? -5.349  2.361   10.487  1.00 0.26 ? 10 DC  A O2     1 
ATOM   297 N N3     . DC  A 1 10 ? -6.375  4.117   9.531   1.00 0.22 ? 10 DC  A N3     1 
ATOM   298 C C4     . DC  A 1 10 ? -7.466  4.664   8.965   1.00 0.24 ? 10 DC  A C4     1 
ATOM   299 N N4     . DC  A 1 10 ? -7.428  5.939   8.558   1.00 0.26 ? 10 DC  A N4     1 
ATOM   300 C C5     . DC  A 1 10 ? -8.664  3.892   8.810   1.00 0.24 ? 10 DC  A C5     1 
ATOM   301 C C6     . DC  A 1 10 ? -8.641  2.620   9.258   1.00 0.22 ? 10 DC  A C6     1 
ATOM   302 H "H5'"  . DC  A 1 10 ? -8.665  -2.571  8.148   1.00 0.37 ? 10 DC  A "H5'"  1 
ATOM   303 H "H5''" . DC  A 1 10 ? -9.129  -3.384  9.658   1.00 0.40 ? 10 DC  A "H5''" 1 
ATOM   304 H "H4'"  . DC  A 1 10 ? -7.393  -1.792  10.276  1.00 0.32 ? 10 DC  A "H4'"  1 
ATOM   305 H "H3'"  . DC  A 1 10 ? -9.960  -0.768  11.116  1.00 0.29 ? 10 DC  A "H3'"  1 
ATOM   306 H "H2'"  . DC  A 1 10 ? -9.691  0.807   10.588  1.00 0.31 ? 10 DC  A "H2'"  1 
ATOM   307 H "H2''" . DC  A 1 10 ? -8.633  0.899   12.053  1.00 0.33 ? 10 DC  A "H2''" 1 
ATOM   308 H "H1'"  . DC  A 1 10 ? -6.776  0.311   10.873  1.00 0.30 ? 10 DC  A "H1'"  1 
ATOM   309 H H41    . DC  A 1 10 ? -6.613  6.505   8.776   1.00 0.29 ? 10 DC  A H41    1 
ATOM   310 H H42    . DC  A 1 10 ? -8.197  6.342   8.039   1.00 0.33 ? 10 DC  A H42    1 
ATOM   311 H H5     . DC  A 1 10 ? -9.564  4.265   8.331   1.00 0.28 ? 10 DC  A H5     1 
ATOM   312 H H6     . DC  A 1 10 ? -9.527  1.980   9.223   1.00 0.25 ? 10 DC  A H6     1 
ATOM   313 P P      . DG  A 1 11 ? -9.359  -1.336  13.808  1.00 0.49 ? 11 DG  A P      1 
ATOM   314 O OP1    . DG  A 1 11 ? -8.630  -1.816  15.003  1.00 0.54 ? 11 DG  A OP1    1 
ATOM   315 O OP2    . DG  A 1 11 ? -10.652 -1.947  13.431  1.00 0.63 ? 11 DG  A OP2    1 
ATOM   316 O "O5'"  . DG  A 1 11 ? -9.597  0.239   13.957  1.00 0.51 ? 11 DG  A "O5'"  1 
ATOM   317 C "C5'"  . DG  A 1 11 ? -10.735 0.803   14.616  1.00 0.62 ? 11 DG  A "C5'"  1 
ATOM   318 C "C4'"  . DG  A 1 11 ? -10.849 2.230   14.121  1.00 0.57 ? 11 DG  A "C4'"  1 
ATOM   319 O "O4'"  . DG  A 1 11 ? -9.510  2.686   14.213  1.00 0.50 ? 11 DG  A "O4'"  1 
ATOM   320 C "C3'"  . DG  A 1 11 ? -11.110 2.333   12.649  1.00 0.53 ? 11 DG  A "C3'"  1 
ATOM   321 O "O3'"  . DG  A 1 11 ? -12.488 2.340   12.272  1.00 0.67 ? 11 DG  A "O3'"  1 
ATOM   322 C "C2'"  . DG  A 1 11 ? -10.214 3.486   12.210  1.00 0.47 ? 11 DG  A "C2'"  1 
ATOM   323 C "C1'"  . DG  A 1 11 ? -9.506  3.906   13.468  1.00 0.46 ? 11 DG  A "C1'"  1 
ATOM   324 N N9     . DG  A 1 11 ? -8.087  4.287   13.297  1.00 0.39 ? 11 DG  A N9     1 
ATOM   325 C C8     . DG  A 1 11 ? -7.057  3.435   13.045  1.00 0.34 ? 11 DG  A C8     1 
ATOM   326 N N7     . DG  A 1 11 ? -5.891  4.008   12.956  1.00 0.34 ? 11 DG  A N7     1 
ATOM   327 C C5     . DG  A 1 11 ? -6.166  5.349   13.166  1.00 0.34 ? 11 DG  A C5     1 
ATOM   328 C C6     . DG  A 1 11 ? -5.273  6.450   13.183  1.00 0.35 ? 11 DG  A C6     1 
ATOM   329 O O6     . DG  A 1 11 ? -4.054  6.440   13.024  1.00 0.36 ? 11 DG  A O6     1 
ATOM   330 N N1     . DG  A 1 11 ? -5.938  7.639   13.424  1.00 0.43 ? 11 DG  A N1     1 
ATOM   331 C C2     . DG  A 1 11 ? -7.305  7.769   13.629  1.00 0.51 ? 11 DG  A C2     1 
ATOM   332 N N2     . DG  A 1 11 ? -7.779  9.006   13.850  1.00 0.65 ? 11 DG  A N2     1 
ATOM   333 N N3     . DG  A 1 11 ? -8.149  6.723   13.614  1.00 0.52 ? 11 DG  A N3     1 
ATOM   334 C C4     . DG  A 1 11 ? -7.511  5.544   13.376  1.00 0.40 ? 11 DG  A C4     1 
ATOM   335 H "H5'"  . DG  A 1 11 ? -10.569 0.782   15.693  1.00 0.68 ? 11 DG  A "H5'"  1 
ATOM   336 H "H5''" . DG  A 1 11 ? -11.627 0.228   14.367  1.00 0.73 ? 11 DG  A "H5''" 1 
ATOM   337 H "H4'"  . DG  A 1 11 ? -11.542 2.928   14.566  1.00 0.68 ? 11 DG  A "H4'"  1 
ATOM   338 H "H3'"  . DG  A 1 11 ? -10.683 1.426   12.257  1.00 0.50 ? 11 DG  A "H3'"  1 
ATOM   339 H "HO3'" . DG  A 1 11 ? -12.848 1.495   12.553  1.00 1.00 ? 11 DG  A "HO3'" 1 
ATOM   340 H "H2'"  . DG  A 1 11 ? -9.375  3.100   11.681  1.00 0.39 ? 11 DG  A "H2'"  1 
ATOM   341 H "H2''" . DG  A 1 11 ? -10.680 4.252   11.641  1.00 0.54 ? 11 DG  A "H2''" 1 
ATOM   342 H "H1'"  . DG  A 1 11 ? -10.104 4.699   13.856  1.00 0.50 ? 11 DG  A "H1'"  1 
ATOM   343 H H8     . DG  A 1 11 ? -7.281  2.381   12.930  1.00 0.35 ? 11 DG  A H8     1 
ATOM   344 H H1     . DG  A 1 11 ? -5.335  8.462   13.432  1.00 0.46 ? 11 DG  A H1     1 
ATOM   345 H H21    . DG  A 1 11 ? -7.146  9.794   13.849  1.00 0.72 ? 11 DG  A H21    1 
ATOM   346 H H22    . DG  A 1 11 ? -8.766  9.158   14.018  1.00 0.75 ? 11 DG  A H22    1 
ATOM   347 O "O5'"  . DC  B 2 1  ? -2.447  15.175  11.555  1.00 0.68 ? 1  DC  B "O5'"  1 
ATOM   348 C "C5'"  . DC  B 2 1  ? -1.401  15.597  12.426  1.00 0.59 ? 1  DC  B "C5'"  1 
ATOM   349 C "C4'"  . DC  B 2 1  ? -0.931  14.387  13.205  1.00 0.49 ? 1  DC  B "C4'"  1 
ATOM   350 O "O4'"  . DC  B 2 1  ? -2.160  13.802  13.657  1.00 0.50 ? 1  DC  B "O4'"  1 
ATOM   351 C "C3'"  . DC  B 2 1  ? -0.315  13.268  12.379  1.00 0.41 ? 1  DC  B "C3'"  1 
ATOM   352 O "O3'"  . DC  B 2 1  ? 1.066   13.354  12.030  1.00 0.40 ? 1  DC  B "O3'"  1 
ATOM   353 C "C2'"  . DC  B 2 1  ? -0.558  12.113  13.345  1.00 0.39 ? 1  DC  B "C2'"  1 
ATOM   354 C "C1'"  . DC  B 2 1  ? -2.003  12.376  13.760  1.00 0.41 ? 1  DC  B "C1'"  1 
ATOM   355 N N1     . DC  B 2 1  ? -3.047  11.647  13.018  1.00 0.38 ? 1  DC  B N1     1 
ATOM   356 C C2     . DC  B 2 1  ? -3.811  10.709  13.698  1.00 0.40 ? 1  DC  B C2     1 
ATOM   357 O O2     . DC  B 2 1  ? -3.646  10.500  14.898  1.00 0.46 ? 1  DC  B O2     1 
ATOM   358 N N3     . DC  B 2 1  ? -4.758  10.026  12.995  1.00 0.41 ? 1  DC  B N3     1 
ATOM   359 C C4     . DC  B 2 1  ? -4.954  10.244  11.684  1.00 0.38 ? 1  DC  B C4     1 
ATOM   360 N N4     . DC  B 2 1  ? -5.883  9.538   11.019  1.00 0.41 ? 1  DC  B N4     1 
ATOM   361 C C5     . DC  B 2 1  ? -4.163  11.216  10.986  1.00 0.36 ? 1  DC  B C5     1 
ATOM   362 C C6     . DC  B 2 1  ? -3.232  11.884  11.696  1.00 0.36 ? 1  DC  B C6     1 
ATOM   363 H "H5'"  . DC  B 2 1  ? -1.788  16.348  13.116  1.00 0.64 ? 1  DC  B "H5'"  1 
ATOM   364 H "H5''" . DC  B 2 1  ? -0.573  16.016  11.854  1.00 0.63 ? 1  DC  B "H5''" 1 
ATOM   365 H "H4'"  . DC  B 2 1  ? -0.289  14.655  14.045  1.00 0.53 ? 1  DC  B "H4'"  1 
ATOM   366 H "H3'"  . DC  B 2 1  ? -0.855  13.113  11.452  1.00 0.43 ? 1  DC  B "H3'"  1 
ATOM   367 H "H2'"  . DC  B 2 1  ? -0.425  11.109  12.940  1.00 0.36 ? 1  DC  B "H2'"  1 
ATOM   368 H "H2''" . DC  B 2 1  ? 0.097   12.274  14.202  1.00 0.42 ? 1  DC  B "H2''" 1 
ATOM   369 H "H1'"  . DC  B 2 1  ? -2.100  12.097  14.809  1.00 0.49 ? 1  DC  B "H1'"  1 
ATOM   370 H H41    . DC  B 2 1  ? -6.541  8.914   11.462  1.00 0.43 ? 1  DC  B H41    1 
ATOM   371 H H42    . DC  B 2 1  ? -5.928  9.625   10.018  1.00 0.48 ? 1  DC  B H42    1 
ATOM   372 H H5     . DC  B 2 1  ? -4.303  11.412  9.922   1.00 0.39 ? 1  DC  B H5     1 
ATOM   373 H H6     . DC  B 2 1  ? -2.645  12.624  11.165  1.00 0.40 ? 1  DC  B H6     1 
ATOM   374 H "HO5'" . DC  B 2 1  ? -2.966  14.578  12.098  1.00 1.14 ? 1  DC  B "HO5'" 1 
ATOM   375 P P      . DG  B 2 2  ? 1.519   12.713  10.629  1.00 0.39 ? 2  DG  B P      1 
ATOM   376 O OP1    . DG  B 2 2  ? 2.947   13.032  10.407  1.00 0.50 ? 2  DG  B OP1    1 
ATOM   377 O OP2    . DG  B 2 2  ? 0.505   13.073  9.614   1.00 0.50 ? 2  DG  B OP2    1 
ATOM   378 O "O5'"  . DG  B 2 2  ? 1.390   11.150  10.926  1.00 0.34 ? 2  DG  B "O5'"  1 
ATOM   379 C "C5'"  . DG  B 2 2  ? 2.161   10.638  12.000  1.00 0.34 ? 2  DG  B "C5'"  1 
ATOM   380 C "C4'"  . DG  B 2 2  ? 2.094   9.135   12.054  1.00 0.32 ? 2  DG  B "C4'"  1 
ATOM   381 O "O4'"  . DG  B 2 2  ? 0.756   8.664   12.219  1.00 0.30 ? 2  DG  B "O4'"  1 
ATOM   382 C "C3'"  . DG  B 2 2  ? 2.706   8.337   10.944  1.00 0.31 ? 2  DG  B "C3'"  1 
ATOM   383 O "O3'"  . DG  B 2 2  ? 3.560   7.274   11.362  1.00 0.35 ? 2  DG  B "O3'"  1 
ATOM   384 C "C2'"  . DG  B 2 2  ? 1.479   7.819   10.266  1.00 0.28 ? 2  DG  B "C2'"  1 
ATOM   385 C "C1'"  . DG  B 2 2  ? 0.571   7.496   11.412  1.00 0.25 ? 2  DG  B "C1'"  1 
ATOM   386 N N9     . DG  B 2 2  ? -0.801  7.640   10.930  1.00 0.23 ? 2  DG  B N9     1 
ATOM   387 C C8     . DG  B 2 2  ? -1.345  8.795   10.461  1.00 0.25 ? 2  DG  B C8     1 
ATOM   388 N N7     . DG  B 2 2  ? -2.587  8.683   10.082  1.00 0.26 ? 2  DG  B N7     1 
ATOM   389 C C5     . DG  B 2 2  ? -2.882  7.348   10.323  1.00 0.24 ? 2  DG  B C5     1 
ATOM   390 C C6     . DG  B 2 2  ? -4.091  6.646   10.103  1.00 0.25 ? 2  DG  B C6     1 
ATOM   391 O O6     . DG  B 2 2  ? -5.147  7.087   9.641   1.00 0.29 ? 2  DG  B O6     1 
ATOM   392 N N1     . DG  B 2 2  ? -3.981  5.309   10.476  1.00 0.23 ? 2  DG  B N1     1 
ATOM   393 C C2     . DG  B 2 2  ? -2.839  4.710   11.001  1.00 0.22 ? 2  DG  B C2     1 
ATOM   394 N N2     . DG  B 2 2  ? -2.889  3.402   11.304  1.00 0.23 ? 2  DG  B N2     1 
ATOM   395 N N3     . DG  B 2 2  ? -1.697  5.386   11.204  1.00 0.21 ? 2  DG  B N3     1 
ATOM   396 C C4     . DG  B 2 2  ? -1.793  6.691   10.844  1.00 0.22 ? 2  DG  B C4     1 
ATOM   397 H "H5'"  . DG  B 2 2  ? 1.773   11.052  12.927  1.00 0.38 ? 2  DG  B "H5'"  1 
ATOM   398 H "H5''" . DG  B 2 2  ? 3.195   10.963  11.883  1.00 0.40 ? 2  DG  B "H5''" 1 
ATOM   399 H "H4'"  . DG  B 2 2  ? 2.630   8.835   12.956  1.00 0.36 ? 2  DG  B "H4'"  1 
ATOM   400 H "H3'"  . DG  B 2 2  ? 3.290   8.983   10.289  1.00 0.35 ? 2  DG  B "H3'"  1 
ATOM   401 H "H2'"  . DG  B 2 2  ? 1.077   8.632   9.661   1.00 0.31 ? 2  DG  B "H2'"  1 
ATOM   402 H "H2''" . DG  B 2 2  ? 1.662   6.949   9.648   1.00 0.34 ? 2  DG  B "H2''" 1 
ATOM   403 H "H1'"  . DG  B 2 2  ? 0.802   6.552   11.907  1.00 0.27 ? 2  DG  B "H1'"  1 
ATOM   404 H H8     . DG  B 2 2  ? -0.790  9.731   10.408  1.00 0.27 ? 2  DG  B H8     1 
ATOM   405 H H1     . DG  B 2 2  ? -4.827  4.769   10.326  1.00 0.24 ? 2  DG  B H1     1 
ATOM   406 H H21    . DG  B 2 2  ? -3.753  2.883   11.173  1.00 0.26 ? 2  DG  B H21    1 
ATOM   407 H H22    . DG  B 2 2  ? -2.065  2.932   11.656  1.00 0.26 ? 2  DG  B H22    1 
ATOM   408 P P      . DA  B 2 3  ? 4.313   6.344   10.289  1.00 0.37 ? 3  DA  B P      1 
ATOM   409 O OP1    . DA  B 2 3  ? 5.576   5.867   10.895  1.00 0.48 ? 3  DA  B OP1    1 
ATOM   410 O OP2    . DA  B 2 3  ? 4.339   7.057   8.992   1.00 0.41 ? 3  DA  B OP2    1 
ATOM   411 O "O5'"  . DA  B 2 3  ? 3.338   5.086   10.139  1.00 0.32 ? 3  DA  B "O5'"  1 
ATOM   412 C "C5'"  . DA  B 2 3  ? 3.503   4.037   11.085  1.00 0.31 ? 3  DA  B "C5'"  1 
ATOM   413 C "C4'"  . DA  B 2 3  ? 3.056   2.699   10.527  1.00 0.25 ? 3  DA  B "C4'"  1 
ATOM   414 O "O4'"  . DA  B 2 3  ? 1.648   2.705   10.262  1.00 0.26 ? 3  DA  B "O4'"  1 
ATOM   415 C "C3'"  . DA  B 2 3  ? 3.730   2.205   9.264   1.00 0.24 ? 3  DA  B "C3'"  1 
ATOM   416 O "O3'"  . DA  B 2 3  ? 3.712   0.799   8.995   1.00 0.24 ? 3  DA  B "O3'"  1 
ATOM   417 C "C2'"  . DA  B 2 3  ? 2.825   2.869   8.280   1.00 0.23 ? 3  DA  B "C2'"  1 
ATOM   418 C "C1'"  . DA  B 2 3  ? 1.430   2.749   8.849   1.00 0.21 ? 3  DA  B "C1'"  1 
ATOM   419 N N9     . DA  B 2 3  ? 0.602   3.911   8.473   1.00 0.19 ? 3  DA  B N9     1 
ATOM   420 C C8     . DA  B 2 3  ? 0.974   5.196   8.162   1.00 0.21 ? 3  DA  B C8     1 
ATOM   421 N N7     . DA  B 2 3  ? -0.024  5.972   7.827   1.00 0.21 ? 3  DA  B N7     1 
ATOM   422 C C5     . DA  B 2 3  ? -1.128  5.139   7.928   1.00 0.19 ? 3  DA  B C5     1 
ATOM   423 C C6     . DA  B 2 3  ? -2.491  5.353   7.704   1.00 0.21 ? 3  DA  B C6     1 
ATOM   424 N N6     . DA  B 2 3  ? -2.969  6.536   7.307   1.00 0.24 ? 3  DA  B N6     1 
ATOM   425 N N1     . DA  B 2 3  ? -3.311  4.303   7.899   1.00 0.19 ? 3  DA  B N1     1 
ATOM   426 C C2     . DA  B 2 3  ? -2.807  3.132   8.287   1.00 0.18 ? 3  DA  B C2     1 
ATOM   427 N N3     . DA  B 2 3  ? -1.548  2.819   8.524   1.00 0.18 ? 3  DA  B N3     1 
ATOM   428 C C4     . DA  B 2 3  ? -0.752  3.887   8.322   1.00 0.18 ? 3  DA  B C4     1 
ATOM   429 H "H5'"  . DA  B 2 3  ? 2.929   4.279   11.979  1.00 0.34 ? 3  DA  B "H5'"  1 
ATOM   430 H "H5''" . DA  B 2 3  ? 4.560   3.993   11.344  1.00 0.38 ? 3  DA  B "H5''" 1 
ATOM   431 H "H4'"  . DA  B 2 3  ? 3.232   1.964   11.312  1.00 0.31 ? 3  DA  B "H4'"  1 
ATOM   432 H "H3'"  . DA  B 2 3  ? 4.762   2.547   9.207   1.00 0.33 ? 3  DA  B "H3'"  1 
ATOM   433 H "H2'"  . DA  B 2 3  ? 3.152   3.906   8.324   1.00 0.29 ? 3  DA  B "H2'"  1 
ATOM   434 H "H2''" . DA  B 2 3  ? 2.921   2.516   7.259   1.00 0.28 ? 3  DA  B "H2''" 1 
ATOM   435 H "H1'"  . DA  B 2 3  ? 0.968   1.822   8.508   1.00 0.23 ? 3  DA  B "H1'"  1 
ATOM   436 H H8     . DA  B 2 3  ? 2.004   5.548   8.187   1.00 0.24 ? 3  DA  B H8     1 
ATOM   437 H H61    . DA  B 2 3  ? -3.937  6.648   7.032   1.00 0.30 ? 3  DA  B H61    1 
ATOM   438 H H62    . DA  B 2 3  ? -2.344  7.332   7.286   1.00 0.30 ? 3  DA  B H62    1 
ATOM   439 H H2     . DA  B 2 3  ? -3.529  2.326   8.428   1.00 0.22 ? 3  DA  B H2     1 
ATOM   440 P P      . DA  B 2 4  ? 4.550   0.211   7.744   1.00 0.25 ? 4  DA  B P      1 
ATOM   441 O OP1    . DA  B 2 4  ? 5.977   0.501   8.016   1.00 0.36 ? 4  DA  B OP1    1 
ATOM   442 O OP2    . DA  B 2 4  ? 3.952   0.712   6.487   1.00 0.33 ? 4  DA  B OP2    1 
ATOM   443 O "O5'"  . DA  B 2 4  ? 4.391   -1.395  7.780   1.00 0.26 ? 4  DA  B "O5'"  1 
ATOM   444 C "C5'"  . DA  B 2 4  ? 3.179   -2.118  7.999   1.00 0.25 ? 4  DA  B "C5'"  1 
ATOM   445 C "C4'"  . DA  B 2 4  ? 2.094   -1.890  6.957   1.00 0.22 ? 4  DA  B "C4'"  1 
ATOM   446 O "O4'"  . DA  B 2 4  ? 1.588   -0.568  7.022   1.00 0.23 ? 4  DA  B "O4'"  1 
ATOM   447 C "C3'"  . DA  B 2 4  ? 2.314   -2.174  5.463   1.00 0.19 ? 4  DA  B "C3'"  1 
ATOM   448 O "O3'"  . DA  B 2 4  ? 1.813   -3.330  4.783   1.00 0.23 ? 4  DA  B "O3'"  1 
ATOM   449 C "C2'"  . DA  B 2 4  ? 1.731   -0.895  4.908   1.00 0.18 ? 4  DA  B "C2'"  1 
ATOM   450 C "C1'"  . DA  B 2 4  ? 0.693   -0.517  5.906   1.00 0.20 ? 4  DA  B "C1'"  1 
ATOM   451 N N9     . DA  B 2 4  ? 0.392   0.886   5.663   1.00 0.20 ? 4  DA  B N9     1 
ATOM   452 C C8     . DA  B 2 4  ? 1.302   1.881   5.482   1.00 0.21 ? 4  DA  B C8     1 
ATOM   453 N N7     . DA  B 2 4  ? 0.782   3.051   5.264   1.00 0.21 ? 4  DA  B N7     1 
ATOM   454 C C5     . DA  B 2 4  ? -0.578  2.798   5.309   1.00 0.21 ? 4  DA  B C5     1 
ATOM   455 C C6     . DA  B 2 4  ? -1.672  3.629   5.152   1.00 0.23 ? 4  DA  B C6     1 
ATOM   456 N N6     . DA  B 2 4  ? -1.518  4.932   4.909   1.00 0.26 ? 4  DA  B N6     1 
ATOM   457 N N1     . DA  B 2 4  ? -2.883  3.062   5.256   1.00 0.23 ? 4  DA  B N1     1 
ATOM   458 C C2     . DA  B 2 4  ? -3.006  1.758   5.497   1.00 0.22 ? 4  DA  B C2     1 
ATOM   459 N N3     . DA  B 2 4  ? -2.036  0.876   5.661   1.00 0.21 ? 4  DA  B N3     1 
ATOM   460 C C4     . DA  B 2 4  ? -0.831  1.476   5.552   1.00 0.20 ? 4  DA  B C4     1 
ATOM   461 H "H5'"  . DA  B 2 4  ? 2.787   -1.824  8.973   1.00 0.30 ? 4  DA  B "H5'"  1 
ATOM   462 H "H5''" . DA  B 2 4  ? 3.421   -3.181  8.018   1.00 0.30 ? 4  DA  B "H5''" 1 
ATOM   463 H "H4'"  . DA  B 2 4  ? 1.263   -2.527  7.264   1.00 0.28 ? 4  DA  B "H4'"  1 
ATOM   464 H "H3'"  . DA  B 2 4  ? 3.386   -2.114  5.279   1.00 0.23 ? 4  DA  B "H3'"  1 
ATOM   465 H "H2'"  . DA  B 2 4  ? 2.530   -0.162  4.834   1.00 0.22 ? 4  DA  B "H2'"  1 
ATOM   466 H "H2''" . DA  B 2 4  ? 1.252   -1.022  3.941   1.00 0.26 ? 4  DA  B "H2''" 1 
ATOM   467 H "H1'"  . DA  B 2 4  ? -0.165  -1.185  5.962   1.00 0.25 ? 4  DA  B "H1'"  1 
ATOM   468 H H8     . DA  B 2 4  ? 2.379   1.719   5.511   1.00 0.22 ? 4  DA  B H8     1 
ATOM   469 H H61    . DA  B 2 4  ? -2.296  5.561   4.742   1.00 0.32 ? 4  DA  B H61    1 
ATOM   470 H H62    . DA  B 2 4  ? -0.579  5.301   4.892   1.00 0.34 ? 4  DA  B H62    1 
ATOM   471 H H2     . DA  B 2 4  ? -4.022  1.368   5.567   1.00 0.25 ? 4  DA  B H2     1 
ATOM   472 P P      . DA  B 2 5  ? 1.607   -4.761  5.510   1.00 0.25 ? 5  DA  B P      1 
ATOM   473 O OP1    . DA  B 2 5  ? 2.518   -4.862  6.668   1.00 0.30 ? 5  DA  B OP1    1 
ATOM   474 O OP2    . DA  B 2 5  ? 1.612   -5.802  4.458   1.00 0.33 ? 5  DA  B OP2    1 
ATOM   475 O "O5'"  . DA  B 2 5  ? 0.107   -4.589  6.032   1.00 0.31 ? 5  DA  B "O5'"  1 
ATOM   476 C "C5'"  . DA  B 2 5  ? -0.519  -5.640  6.756   1.00 0.39 ? 5  DA  B "C5'"  1 
ATOM   477 C "C4'"  . DA  B 2 5  ? -1.716  -6.237  6.025   1.00 0.39 ? 5  DA  B "C4'"  1 
ATOM   478 O "O4'"  . DA  B 2 5  ? -2.691  -5.227  5.751   1.00 0.36 ? 5  DA  B "O4'"  1 
ATOM   479 C "C3'"  . DA  B 2 5  ? -1.569  -6.998  4.723   1.00 0.38 ? 5  DA  B "C3'"  1 
ATOM   480 O "O3'"  . DA  B 2 5  ? -2.626  -7.917  4.440   1.00 0.43 ? 5  DA  B "O3'"  1 
ATOM   481 C "C2'"  . DA  B 2 5  ? -1.669  -5.856  3.764   1.00 0.30 ? 5  DA  B "C2'"  1 
ATOM   482 C "C1'"  . DA  B 2 5  ? -2.813  -5.036  4.336   1.00 0.31 ? 5  DA  B "C1'"  1 
ATOM   483 N N9     . DA  B 2 5  ? -2.567  -3.613  4.070   1.00 0.26 ? 5  DA  B N9     1 
ATOM   484 C C8     . DA  B 2 5  ? -1.387  -2.966  4.255   1.00 0.25 ? 5  DA  B C8     1 
ATOM   485 N N7     . DA  B 2 5  ? -1.397  -1.706  3.937   1.00 0.22 ? 5  DA  B N7     1 
ATOM   486 C C5     . DA  B 2 5  ? -2.698  -1.501  3.505   1.00 0.21 ? 5  DA  B C5     1 
ATOM   487 C C6     . DA  B 2 5  ? -3.354  -0.365  3.031   1.00 0.22 ? 5  DA  B C6     1 
ATOM   488 N N6     . DA  B 2 5  ? -2.766  0.823   2.904   1.00 0.22 ? 5  DA  B N6     1 
ATOM   489 N N1     . DA  B 2 5  ? -4.637  -0.499  2.689   1.00 0.25 ? 5  DA  B N1     1 
ATOM   490 C C2     . DA  B 2 5  ? -5.236  -1.673  2.807   1.00 0.26 ? 5  DA  B C2     1 
ATOM   491 N N3     . DA  B 2 5  ? -4.731  -2.821  3.241   1.00 0.27 ? 5  DA  B N3     1 
ATOM   492 C C4     . DA  B 2 5  ? -3.431  -2.659  3.580   1.00 0.24 ? 5  DA  B C4     1 
ATOM   493 H "H5'"  . DA  B 2 5  ? -0.857  -5.224  7.704   1.00 0.47 ? 5  DA  B "H5'"  1 
ATOM   494 H "H5''" . DA  B 2 5  ? 0.218   -6.419  6.951   1.00 0.47 ? 5  DA  B "H5''" 1 
ATOM   495 H "H4'"  . DA  B 2 5  ? -2.177  -6.923  6.737   1.00 0.47 ? 5  DA  B "H4'"  1 
ATOM   496 H "H3'"  . DA  B 2 5  ? -0.621  -7.533  4.668   1.00 0.41 ? 5  DA  B "H3'"  1 
ATOM   497 H "H2'"  . DA  B 2 5  ? -0.718  -5.335  3.838   1.00 0.30 ? 5  DA  B "H2'"  1 
ATOM   498 H "H2''" . DA  B 2 5  ? -1.844  -6.158  2.735   1.00 0.32 ? 5  DA  B "H2''" 1 
ATOM   499 H "H1'"  . DA  B 2 5  ? -3.790  -5.344  3.974   1.00 0.38 ? 5  DA  B "H1'"  1 
ATOM   500 H H8     . DA  B 2 5  ? -0.500  -3.451  4.644   1.00 0.28 ? 5  DA  B H8     1 
ATOM   501 H H61    . DA  B 2 5  ? -3.324  1.598   2.575   1.00 0.26 ? 5  DA  B H61    1 
ATOM   502 H H62    . DA  B 2 5  ? -1.788  0.936   3.137   1.00 0.25 ? 5  DA  B H62    1 
ATOM   503 H H2     . DA  B 2 5  ? -6.281  -1.667  2.505   1.00 0.29 ? 5  DA  B H2     1 
HETATM 504 P P      . D00 B 2 6  ? -2.649  -8.841  3.117   1.00 0.46 ? 6  D00 B P      1 
HETATM 505 O OP1    . D00 B 2 6  ? -3.715  -9.857  3.277   1.00 0.57 ? 6  D00 B OP1    1 
HETATM 506 O OP2    . D00 B 2 6  ? -1.260  -9.265  2.833   1.00 0.48 ? 6  D00 B OP2    1 
HETATM 507 O "O5'"  . D00 B 2 6  ? -3.103  -7.821  1.962   1.00 0.41 ? 6  D00 B "O5'"  1 
HETATM 508 C "C5'"  . D00 B 2 6  ? -4.403  -7.257  2.076   1.00 0.39 ? 6  D00 B "C5'"  1 
HETATM 509 C "C4'"  . D00 B 2 6  ? -4.561  -6.027  1.206   1.00 0.35 ? 6  D00 B "C4'"  1 
HETATM 510 O "O4'"  . D00 B 2 6  ? -3.517  -5.095  1.466   1.00 0.31 ? 6  D00 B "O4'"  1 
HETATM 511 C "C3'"  . D00 B 2 6  ? -4.589  -6.159  -0.291  1.00 0.34 ? 6  D00 B "C3'"  1 
HETATM 512 O "O3'"  . D00 B 2 6  ? -5.759  -5.646  -0.908  1.00 0.38 ? 6  D00 B "O3'"  1 
HETATM 513 C "C2'"  . D00 B 2 6  ? -3.347  -5.394  -0.663  1.00 0.29 ? 6  D00 B "C2'"  1 
HETATM 514 C "C1'"  . D00 B 2 6  ? -3.341  -4.256  0.321   1.00 0.27 ? 6  D00 B "C1'"  1 
HETATM 515 N N1     . D00 B 2 6  ? -2.004  -3.694  0.590   1.00 0.23 ? 6  D00 B N1     1 
HETATM 516 O O2     . D00 B 2 6  ? -2.699  -1.535  0.383   1.00 0.23 ? 6  D00 B O2     1 
HETATM 517 N N3     . D00 B 2 6  ? -0.539  -1.897  0.925   1.00 0.21 ? 6  D00 B N3     1 
HETATM 518 C C4     . D00 B 2 6  ? 0.506   -2.711  1.190   1.00 0.20 ? 6  D00 B C4     1 
HETATM 519 N N4     . D00 B 2 6  ? 1.611   -2.268  1.889   1.00 0.20 ? 6  D00 B N4     1 
HETATM 520 C C5     . D00 B 2 6  ? 0.250   -4.127  1.138   1.00 0.23 ? 6  D00 B C5     1 
HETATM 521 C C6     . D00 B 2 6  ? -0.991  -4.556  0.843   1.00 0.24 ? 6  D00 B C6     1 
HETATM 522 C C10    . D00 B 2 6  ? 2.439   0.147   1.849   1.00 0.18 ? 6  D00 B C10    1 
HETATM 523 C C11    . D00 B 2 6  ? 2.456   -1.148  1.450   1.00 0.19 ? 6  D00 B C11    1 
HETATM 524 H "H5''" . D00 B 2 6  ? -5.152  -8.003  1.810   1.00 0.48 ? 6  D00 B "H5''" 1 
HETATM 525 H "H5'"  . D00 B 2 6  ? -4.542  -7.000  3.123   1.00 0.42 ? 6  D00 B "H5'"  1 
HETATM 526 H "H4'"  . D00 B 2 6  ? -5.496  -5.543  1.488   1.00 0.39 ? 6  D00 B "H4'"  1 
HETATM 527 H "H3'"  . D00 B 2 6  ? -4.491  -7.205  -0.580  1.00 0.40 ? 6  D00 B "H3'"  1 
HETATM 528 H "H2''" . D00 B 2 6  ? -3.404  -5.035  -1.687  1.00 0.28 ? 6  D00 B "H2''" 1 
HETATM 529 H "H2'"  . D00 B 2 6  ? -2.513  -6.080  -0.533  1.00 0.33 ? 6  D00 B "H2'"  1 
HETATM 530 H "H1'"  . D00 B 2 6  ? -4.139  -3.527  0.176   1.00 0.31 ? 6  D00 B "H1'"  1 
HETATM 531 H H41    . D00 B 2 6  ? 1.784   -2.675  2.800   1.00 0.23 ? 6  D00 B H41    1 
HETATM 532 H H5     . D00 B 2 6  ? 1.047   -4.845  1.336   1.00 0.28 ? 6  D00 B H5     1 
HETATM 533 H H6     . D00 B 2 6  ? -1.153  -5.630  0.814   1.00 0.27 ? 6  D00 B H6     1 
HETATM 534 H H12    . D00 B 2 6  ? 1.363   0.184   2.018   1.00 0.31 ? 6  D00 B H12    1 
HETATM 535 H H11    . D00 B 2 6  ? 2.955   0.114   2.808   1.00 0.31 ? 6  D00 B H11    1 
HETATM 536 H H13    . D00 B 2 6  ? 2.321   -0.994  0.379   1.00 0.30 ? 6  D00 B H13    1 
ATOM   537 P P      . DT  B 2 7  ? -6.295  -6.349  -2.243  1.00 0.36 ? 7  DT  B P      1 
ATOM   538 O OP1    . DT  B 2 7  ? -7.752  -6.574  -2.109  1.00 0.47 ? 7  DT  B OP1    1 
ATOM   539 O OP2    . DT  B 2 7  ? -5.392  -7.474  -2.568  1.00 0.46 ? 7  DT  B OP2    1 
ATOM   540 O "O5'"  . DT  B 2 7  ? -6.064  -5.195  -3.317  1.00 0.35 ? 7  DT  B "O5'"  1 
ATOM   541 C "C5'"  . DT  B 2 7  ? -6.965  -4.098  -3.263  1.00 0.33 ? 7  DT  B "C5'"  1 
ATOM   542 C "C4'"  . DT  B 2 7  ? -6.342  -2.884  -3.899  1.00 0.29 ? 7  DT  B "C4'"  1 
ATOM   543 O "O4'"  . DT  B 2 7  ? -5.146  -2.565  -3.173  1.00 0.25 ? 7  DT  B "O4'"  1 
ATOM   544 C "C3'"  . DT  B 2 7  ? -5.920  -3.064  -5.342  1.00 0.26 ? 7  DT  B "C3'"  1 
ATOM   545 O "O3'"  . DT  B 2 7  ? -6.137  -2.043  -6.305  1.00 0.30 ? 7  DT  B "O3'"  1 
ATOM   546 C "C2'"  . DT  B 2 7  ? -4.446  -3.201  -5.142  1.00 0.23 ? 7  DT  B "C2'"  1 
ATOM   547 C "C1'"  . DT  B 2 7  ? -4.145  -2.150  -4.105  1.00 0.22 ? 7  DT  B "C1'"  1 
ATOM   548 N N1     . DT  B 2 7  ? -2.798  -2.307  -3.503  1.00 0.21 ? 7  DT  B N1     1 
ATOM   549 C C2     . DT  B 2 7  ? -2.085  -1.173  -3.101  1.00 0.22 ? 7  DT  B C2     1 
ATOM   550 O O2     . DT  B 2 7  ? -2.524  -0.036  -3.249  1.00 0.25 ? 7  DT  B O2     1 
ATOM   551 N N3     . DT  B 2 7  ? -0.825  -1.411  -2.536  1.00 0.25 ? 7  DT  B N3     1 
ATOM   552 C C4     . DT  B 2 7  ? -0.249  -2.663  -2.356  1.00 0.25 ? 7  DT  B C4     1 
ATOM   553 O O4     . DT  B 2 7  ? 0.873   -2.793  -1.865  1.00 0.28 ? 7  DT  B O4     1 
ATOM   554 C C5     . DT  B 2 7  ? -1.072  -3.757  -2.808  1.00 0.24 ? 7  DT  B C5     1 
ATOM   555 C C7     . DT  B 2 7  ? -0.564  -5.180  -2.679  1.00 0.27 ? 7  DT  B C7     1 
ATOM   556 C C6     . DT  B 2 7  ? -2.278  -3.558  -3.347  1.00 0.22 ? 7  DT  B C6     1 
ATOM   557 H "H5'"  . DT  B 2 7  ? -7.203  -3.895  -2.218  1.00 0.39 ? 7  DT  B "H5'"  1 
ATOM   558 H "H5''" . DT  B 2 7  ? -7.877  -4.372  -3.791  1.00 0.39 ? 7  DT  B "H5''" 1 
ATOM   559 H "H4'"  . DT  B 2 7  ? -7.027  -2.038  -3.839  1.00 0.38 ? 7  DT  B "H4'"  1 
ATOM   560 H "H3'"  . DT  B 2 7  ? -6.351  -3.981  -5.742  1.00 0.33 ? 7  DT  B "H3'"  1 
ATOM   561 H "H2'"  . DT  B 2 7  ? -4.289  -4.225  -4.813  1.00 0.28 ? 7  DT  B "H2'"  1 
ATOM   562 H "H2''" . DT  B 2 7  ? -3.915  -2.993  -6.057  1.00 0.26 ? 7  DT  B "H2''" 1 
ATOM   563 H "H1'"  . DT  B 2 7  ? -4.323  -1.144  -4.485  1.00 0.26 ? 7  DT  B "H1'"  1 
ATOM   564 H H3     . DT  B 2 7  ? -0.280  -0.606  -2.221  1.00 0.28 ? 7  DT  B H3     1 
ATOM   565 H H71    . DT  B 2 7  ? -1.254  -5.788  -2.102  1.00 0.40 ? 7  DT  B H71    1 
ATOM   566 H H72    . DT  B 2 7  ? -0.452  -5.618  -3.670  1.00 0.33 ? 7  DT  B H72    1 
ATOM   567 H H73    . DT  B 2 7  ? 0.405   -5.161  -2.181  1.00 0.40 ? 7  DT  B H73    1 
ATOM   568 H H6     . DT  B 2 7  ? -2.822  -4.446  -3.651  1.00 0.25 ? 7  DT  B H6     1 
ATOM   569 P P      . DT  B 2 8  ? -6.127  -2.522  -7.840  1.00 0.34 ? 8  DT  B P      1 
ATOM   570 O OP1    . DT  B 2 8  ? -7.432  -3.169  -8.111  1.00 0.41 ? 8  DT  B OP1    1 
ATOM   571 O OP2    . DT  B 2 8  ? -4.877  -3.274  -8.104  1.00 0.34 ? 8  DT  B OP2    1 
ATOM   572 O "O5'"  . DT  B 2 8  ? -6.087  -1.153  -8.656  1.00 0.40 ? 8  DT  B "O5'"  1 
ATOM   573 C "C5'"  . DT  B 2 8  ? -5.453  -0.012  -8.096  1.00 0.36 ? 8  DT  B "C5'"  1 
ATOM   574 C "C4'"  . DT  B 2 8  ? -3.936  -0.080  -8.131  1.00 0.29 ? 8  DT  B "C4'"  1 
ATOM   575 O "O4'"  . DT  B 2 8  ? -3.352  -1.068  -7.289  1.00 0.23 ? 8  DT  B "O4'"  1 
ATOM   576 C "C3'"  . DT  B 2 8  ? -3.234  -0.282  -9.463  1.00 0.29 ? 8  DT  B "C3'"  1 
ATOM   577 O "O3'"  . DT  B 2 8  ? -2.540  0.784   -10.083 1.00 0.34 ? 8  DT  B "O3'"  1 
ATOM   578 C "C2'"  . DT  B 2 8  ? -2.284  -1.388  -9.141  1.00 0.25 ? 8  DT  B "C2'"  1 
ATOM   579 C "C1'"  . DT  B 2 8  ? -1.980  -1.123  -7.712  1.00 0.21 ? 8  DT  B "C1'"  1 
ATOM   580 N N1     . DT  B 2 8  ? -1.362  -2.328  -7.175  1.00 0.20 ? 8  DT  B N1     1 
ATOM   581 C C2     . DT  B 2 8  ? -0.134  -2.240  -6.563  1.00 0.20 ? 8  DT  B C2     1 
ATOM   582 O O2     . DT  B 2 8  ? 0.483   -1.188  -6.433  1.00 0.23 ? 8  DT  B O2     1 
ATOM   583 N N3     . DT  B 2 8  ? 0.379   -3.429  -6.096  1.00 0.22 ? 8  DT  B N3     1 
ATOM   584 C C4     . DT  B 2 8  ? -0.213  -4.672  -6.184  1.00 0.22 ? 8  DT  B C4     1 
ATOM   585 O O4     . DT  B 2 8  ? 0.341   -5.673  -5.732  1.00 0.26 ? 8  DT  B O4     1 
ATOM   586 C C5     . DT  B 2 8  ? -1.489  -4.647  -6.839  1.00 0.22 ? 8  DT  B C5     1 
ATOM   587 C C7     . DT  B 2 8  ? -2.240  -5.937  -6.997  1.00 0.26 ? 8  DT  B C7     1 
ATOM   588 C C6     . DT  B 2 8  ? -2.015  -3.511  -7.303  1.00 0.21 ? 8  DT  B C6     1 
ATOM   589 H "H5'"  . DT  B 2 8  ? -5.776  0.082   -7.058  1.00 0.42 ? 8  DT  B "H5'"  1 
ATOM   590 H "H5''" . DT  B 2 8  ? -5.779  0.864   -8.656  1.00 0.44 ? 8  DT  B "H5''" 1 
ATOM   591 H "H4'"  . DT  B 2 8  ? -3.583  0.881   -7.754  1.00 0.33 ? 8  DT  B "H4'"  1 
ATOM   592 H "H3'"  . DT  B 2 8  ? -3.950  -0.681  -10.181 1.00 0.37 ? 8  DT  B "H3'"  1 
ATOM   593 H "H2'"  . DT  B 2 8  ? -2.805  -2.325  -9.324  1.00 0.29 ? 8  DT  B "H2'"  1 
ATOM   594 H "H2''" . DT  B 2 8  ? -1.380  -1.334  -9.735  1.00 0.31 ? 8  DT  B "H2''" 1 
ATOM   595 H "H1'"  . DT  B 2 8  ? -1.413  -0.206  -7.545  1.00 0.25 ? 8  DT  B "H1'"  1 
ATOM   596 H H3     . DT  B 2 8  ? 1.283   -3.355  -5.656  1.00 0.24 ? 8  DT  B H3     1 
ATOM   597 H H71    . DT  B 2 8  ? -2.405  -6.133  -8.056  1.00 0.39 ? 8  DT  B H71    1 
ATOM   598 H H72    . DT  B 2 8  ? -1.654  -6.747  -6.562  1.00 0.39 ? 8  DT  B H72    1 
ATOM   599 H H73    . DT  B 2 8  ? -3.200  -5.864  -6.485  1.00 0.40 ? 8  DT  B H73    1 
ATOM   600 H H6     . DT  B 2 8  ? -2.989  -3.561  -7.790  1.00 0.27 ? 8  DT  B H6     1 
ATOM   601 P P      . DT  B 2 9  ? -1.983  0.581   -11.574 1.00 0.33 ? 9  DT  B P      1 
ATOM   602 O OP1    . DT  B 2 9  ? -3.130  0.644   -12.506 1.00 0.49 ? 9  DT  B OP1    1 
ATOM   603 O OP2    . DT  B 2 9  ? -1.067  -0.584  -11.613 1.00 0.33 ? 9  DT  B OP2    1 
ATOM   604 O "O5'"  . DT  B 2 9  ? -1.136  1.915   -11.739 1.00 0.47 ? 9  DT  B "O5'"  1 
ATOM   605 C "C5'"  . DT  B 2 9  ? -0.510  2.490   -10.598 1.00 0.48 ? 9  DT  B "C5'"  1 
ATOM   606 C "C4'"  . DT  B 2 9  ? 0.791   1.798   -10.237 1.00 0.41 ? 9  DT  B "C4'"  1 
ATOM   607 O "O4'"  . DT  B 2 9  ? 0.704   0.494   -9.659  1.00 0.34 ? 9  DT  B "O4'"  1 
ATOM   608 C "C3'"  . DT  B 2 9  ? 1.725   1.584   -11.421 1.00 0.37 ? 9  DT  B "C3'"  1 
ATOM   609 O "O3'"  . DT  B 2 9  ? 2.927   2.338   -11.535 1.00 0.35 ? 9  DT  B "O3'"  1 
ATOM   610 C "C2'"  . DT  B 2 9  ? 2.043   0.122   -11.312 1.00 0.29 ? 9  DT  B "C2'"  1 
ATOM   611 C "C1'"  . DT  B 2 9  ? 2.017   -0.082  -9.839  1.00 0.26 ? 9  DT  B "C1'"  1 
ATOM   612 N N1     . DT  B 2 9  ? 1.958   -1.504  -9.504  1.00 0.22 ? 9  DT  B N1     1 
ATOM   613 C C2     . DT  B 2 9  ? 2.909   -2.044  -8.649  1.00 0.20 ? 9  DT  B C2     1 
ATOM   614 O O2     . DT  B 2 9  ? 3.822   -1.383  -8.156  1.00 0.22 ? 9  DT  B O2     1 
ATOM   615 N N3     . DT  B 2 9  ? 2.772   -3.397  -8.381  1.00 0.19 ? 9  DT  B N3     1 
ATOM   616 C C4     . DT  B 2 9  ? 1.787   -4.229  -8.883  1.00 0.19 ? 9  DT  B C4     1 
ATOM   617 O O4     . DT  B 2 9  ? 1.766   -5.423  -8.577  1.00 0.22 ? 9  DT  B O4     1 
ATOM   618 C C5     . DT  B 2 9  ? 0.850   -3.561  -9.763  1.00 0.21 ? 9  DT  B C5     1 
ATOM   619 C C7     . DT  B 2 9  ? -0.285  -4.351  -10.378 1.00 0.24 ? 9  DT  B C7     1 
ATOM   620 C C6     . DT  B 2 9  ? 0.961   -2.253  -10.040 1.00 0.23 ? 9  DT  B C6     1 
ATOM   621 H "H5'"  . DT  B 2 9  ? -1.194  2.463   -9.749  1.00 0.52 ? 9  DT  B "H5'"  1 
ATOM   622 H "H5''" . DT  B 2 9  ? -0.287  3.525   -10.853 1.00 0.59 ? 9  DT  B "H5''" 1 
ATOM   623 H "H4'"  . DT  B 2 9  ? 1.319   2.433   -9.524  1.00 0.45 ? 9  DT  B "H4'"  1 
ATOM   624 H "H3'"  . DT  B 2 9  ? 1.158   1.720   -12.341 1.00 0.45 ? 9  DT  B "H3'"  1 
ATOM   625 H "H2'"  . DT  B 2 9  ? 1.274   -0.439  -11.839 1.00 0.35 ? 9  DT  B "H2'"  1 
ATOM   626 H "H2''" . DT  B 2 9  ? 3.024   -0.091  -11.714 1.00 0.31 ? 9  DT  B "H2''" 1 
ATOM   627 H "H1'"  . DT  B 2 9  ? 2.807   0.460   -9.316  1.00 0.27 ? 9  DT  B "H1'"  1 
ATOM   628 H H3     . DT  B 2 9  ? 3.467   -3.802  -7.763  1.00 0.23 ? 9  DT  B H3     1 
ATOM   629 H H71    . DT  B 2 9  ? -1.238  -3.926  -10.066 1.00 0.80 ? 9  DT  B H71    1 
ATOM   630 H H72    . DT  B 2 9  ? -0.207  -4.310  -11.465 1.00 0.91 ? 9  DT  B H72    1 
ATOM   631 H H73    . DT  B 2 9  ? -0.217  -5.386  -10.044 1.00 0.93 ? 9  DT  B H73    1 
ATOM   632 H H6     . DT  B 2 9  ? 0.239   -1.796  -10.712 1.00 0.28 ? 9  DT  B H6     1 
ATOM   633 P P      . DC  B 2 10 ? 3.759   2.303   -12.914 1.00 0.32 ? 10 DC  B P      1 
ATOM   634 O OP1    . DC  B 2 10 ? 2.973   3.047   -13.924 1.00 0.42 ? 10 DC  B OP1    1 
ATOM   635 O OP2    . DC  B 2 10 ? 4.158   0.905   -13.199 1.00 0.32 ? 10 DC  B OP2    1 
ATOM   636 O "O5'"  . DC  B 2 10 ? 5.071   3.167   -12.598 1.00 0.32 ? 10 DC  B "O5'"  1 
ATOM   637 C "C5'"  . DC  B 2 10 ? 5.799   3.098   -11.374 1.00 0.30 ? 10 DC  B "C5'"  1 
ATOM   638 C "C4'"  . DC  B 2 10 ? 6.527   1.781   -11.157 1.00 0.26 ? 10 DC  B "C4'"  1 
ATOM   639 O "O4'"  . DC  B 2 10 ? 5.686   0.667   -10.831 1.00 0.23 ? 10 DC  B "O4'"  1 
ATOM   640 C "C3'"  . DC  B 2 10 ? 7.435   1.271   -12.260 1.00 0.28 ? 10 DC  B "C3'"  1 
ATOM   641 O "O3'"  . DC  B 2 10 ? 8.859   1.289   -12.202 1.00 0.37 ? 10 DC  B "O3'"  1 
ATOM   642 C "C2'"  . DC  B 2 10 ? 6.885   -0.106  -12.394 1.00 0.25 ? 10 DC  B "C2'"  1 
ATOM   643 C "C1'"  . DC  B 2 10 ? 6.540   -0.482  -10.998 1.00 0.20 ? 10 DC  B "C1'"  1 
ATOM   644 N N1     . DC  B 2 10 ? 5.760   -1.739  -11.017 1.00 0.19 ? 10 DC  B N1     1 
ATOM   645 C C2     . DC  B 2 10 ? 6.088   -2.783  -10.162 1.00 0.21 ? 10 DC  B C2     1 
ATOM   646 O O2     . DC  B 2 10 ? 7.019   -2.710  -9.364  1.00 0.26 ? 10 DC  B O2     1 
ATOM   647 N N3     . DC  B 2 10 ? 5.339   -3.920  -10.233 1.00 0.22 ? 10 DC  B N3     1 
ATOM   648 C C4     . DC  B 2 10 ? 4.314   -4.041  -11.096 1.00 0.23 ? 10 DC  B C4     1 
ATOM   649 N N4     . DC  B 2 10 ? 3.614   -5.182  -11.134 1.00 0.26 ? 10 DC  B N4     1 
ATOM   650 C C5     . DC  B 2 10 ? 3.976   -2.964  -11.975 1.00 0.24 ? 10 DC  B C5     1 
ATOM   651 C C6     . DC  B 2 10 ? 4.724   -1.846  -11.896 1.00 0.22 ? 10 DC  B C6     1 
ATOM   652 H "H5'"  . DC  B 2 10 ? 5.116   3.272   -10.543 1.00 0.37 ? 10 DC  B "H5'"  1 
ATOM   653 H "H5''" . DC  B 2 10 ? 6.540   3.895   -11.401 1.00 0.40 ? 10 DC  B "H5''" 1 
ATOM   654 H "H4'"  . DC  B 2 10 ? 7.173   1.933   -10.292 1.00 0.33 ? 10 DC  B "H4'"  1 
ATOM   655 H "H3'"  . DC  B 2 10 ? 7.161   1.789   -13.179 1.00 0.32 ? 10 DC  B "H3'"  1 
ATOM   656 H "H2'"  . DC  B 2 10 ? 6.026   -0.037  -13.056 1.00 0.29 ? 10 DC  B "H2'"  1 
ATOM   657 H "H2''" . DC  B 2 10 ? 7.638   -0.792  -12.779 1.00 0.31 ? 10 DC  B "H2''" 1 
ATOM   658 H "H1'"  . DC  B 2 10 ? 7.399   -0.499  -10.328 1.00 0.28 ? 10 DC  B "H1'"  1 
ATOM   659 H H41    . DC  B 2 10 ? 3.932   -5.978  -10.588 1.00 0.29 ? 10 DC  B H41    1 
ATOM   660 H H42    . DC  B 2 10 ? 2.778   -5.258  -11.697 1.00 0.31 ? 10 DC  B H42    1 
ATOM   661 H H5     . DC  B 2 10 ? 3.149   -3.035  -12.682 1.00 0.30 ? 10 DC  B H5     1 
ATOM   662 H H6     . DC  B 2 10 ? 4.469   -1.030  -12.567 1.00 0.27 ? 10 DC  B H6     1 
ATOM   663 P P      . DG  B 2 11 ? 9.657   1.264   -13.608 1.00 0.49 ? 11 DG  B P      1 
ATOM   664 O OP1    . DG  B 2 11 ? 11.111  1.305   -13.332 1.00 0.54 ? 11 DG  B OP1    1 
ATOM   665 O OP2    . DG  B 2 11 ? 9.047   2.261   -14.516 1.00 0.62 ? 11 DG  B OP2    1 
ATOM   666 O "O5'"  . DG  B 2 11 ? 9.287   -0.188  -14.167 1.00 0.51 ? 11 DG  B "O5'"  1 
ATOM   667 C "C5'"  . DG  B 2 11 ? 9.346   -0.531  -15.553 1.00 0.62 ? 11 DG  B "C5'"  1 
ATOM   668 C "C4'"  . DG  B 2 11 ? 8.484   -1.761  -15.728 1.00 0.57 ? 11 DG  B "C4'"  1 
ATOM   669 O "O4'"  . DG  B 2 11 ? 8.887   -2.571  -14.635 1.00 0.50 ? 11 DG  B "O4'"  1 
ATOM   670 C "C3'"  . DG  B 2 11 ? 7.031   -1.525  -15.405 1.00 0.53 ? 11 DG  B "C3'"  1 
ATOM   671 O "O3'"  . DG  B 2 11 ? 6.224   -1.089  -16.499 1.00 0.67 ? 11 DG  B "O3'"  1 
ATOM   672 C "C2'"  . DG  B 2 11 ? 6.616   -2.778  -14.634 1.00 0.46 ? 11 DG  B "C2'"  1 
ATOM   673 C "C1'"  . DG  B 2 11 ? 7.893   -3.594  -14.565 1.00 0.46 ? 11 DG  B "C1'"  1 
ATOM   674 N N9     . DG  B 2 11 ? 8.112   -4.301  -13.285 1.00 0.39 ? 11 DG  B N9     1 
ATOM   675 C C8     . DG  B 2 11 ? 8.464   -3.728  -12.097 1.00 0.34 ? 11 DG  B C8     1 
ATOM   676 N N7     . DG  B 2 11 ? 8.621   -4.572  -11.120 1.00 0.34 ? 11 DG  B N7     1 
ATOM   677 C C5     . DG  B 2 11 ? 8.355   -5.803  -11.694 1.00 0.34 ? 11 DG  B C5     1 
ATOM   678 C C6     . DG  B 2 11 ? 8.374   -7.086  -11.096 1.00 0.36 ? 11 DG  B C6     1 
ATOM   679 O O6     . DG  B 2 11 ? 8.645   -7.378  -9.933  1.00 0.36 ? 11 DG  B O6     1 
ATOM   680 N N1     . DG  B 2 11 ? 8.046   -8.076  -12.006 1.00 0.43 ? 11 DG  B N1     1 
ATOM   681 C C2     . DG  B 2 11 ? 7.735   -7.867  -13.343 1.00 0.51 ? 11 DG  B C2     1 
ATOM   682 N N2     . DG  B 2 11 ? 7.441   -8.949  -14.083 1.00 0.65 ? 11 DG  B N2     1 
ATOM   683 N N3     . DG  B 2 11 ? 7.719   -6.648  -13.908 1.00 0.51 ? 11 DG  B N3     1 
ATOM   684 C C4     . DG  B 2 11 ? 8.038   -5.661  -13.025 1.00 0.40 ? 11 DG  B C4     1 
ATOM   685 H "H5'"  . DG  B 2 11 ? 10.379  -0.748  -15.821 1.00 0.69 ? 11 DG  B "H5'"  1 
ATOM   686 H "H5''" . DG  B 2 11 ? 8.972   0.297   -16.154 1.00 0.71 ? 11 DG  B "H5''" 1 
ATOM   687 H "H4'"  . DG  B 2 11 ? 8.628   -2.262  -16.687 1.00 0.66 ? 11 DG  B "H4'"  1 
ATOM   688 H "H3'"  . DG  B 2 11 ? 7.024   -0.707  -14.697 1.00 0.51 ? 11 DG  B "H3'"  1 
ATOM   689 H "HO3'" . DG  B 2 11 ? 6.579   -0.237  -16.771 1.00 0.94 ? 11 DG  B "HO3'" 1 
ATOM   690 H "H2'"  . DG  B 2 11 ? 6.383   -2.444  -13.629 1.00 0.44 ? 11 DG  B "H2'"  1 
ATOM   691 H "H2''" . DG  B 2 11 ? 5.780   -3.338  -15.053 1.00 0.55 ? 11 DG  B "H2''" 1 
ATOM   692 H "H1'"  . DG  B 2 11 ? 7.965   -4.274  -15.413 1.00 0.55 ? 11 DG  B "H1'"  1 
ATOM   693 H H8     . DG  B 2 11 ? 8.603   -2.653  -11.980 1.00 0.36 ? 11 DG  B H8     1 
ATOM   694 H H1     . DG  B 2 11 ? 8.031   -9.017  -11.617 1.00 0.46 ? 11 DG  B H1     1 
ATOM   695 H H21    . DG  B 2 11 ? 7.441   -9.865  -13.654 1.00 0.71 ? 11 DG  B H21    1 
ATOM   696 H H22    . DG  B 2 11 ? 7.221   -8.857  -15.067 1.00 0.73 ? 11 DG  B H22    1 
# 
